data_2LB3
#
_entry.id   2LB3
#
loop_
_entity.id
_entity.type
_entity.pdbx_description
1 polymer 'Peptidyl-prolyl cis-trans isomerase NIMA-interacting 1'
2 polymer 'Mothers against decapentaplegic homolog 2'
#
loop_
_entity_poly.entity_id
_entity_poly.type
_entity_poly.pdbx_seq_one_letter_code
_entity_poly.pdbx_strand_id
1 'polypeptide(L)' KLPPGWEKRMSRSSGRVYYFNHITNASQWERPSGNS A
2 'polypeptide(L)' IPE(TPO)PPPG B
#
# COMPACT_ATOMS: atom_id res chain seq x y z
N LYS A 1 9.04 -2.16 11.93
CA LYS A 1 9.58 -3.53 11.80
C LYS A 1 9.08 -4.18 10.51
N LEU A 2 8.42 -3.37 9.67
CA LEU A 2 8.00 -3.80 8.35
C LEU A 2 9.11 -3.49 7.33
N PRO A 3 8.94 -3.86 6.05
CA PRO A 3 9.94 -3.56 5.01
C PRO A 3 10.21 -2.05 4.85
N PRO A 4 11.49 -1.61 4.98
CA PRO A 4 11.89 -0.22 4.72
C PRO A 4 11.58 0.26 3.30
N GLY A 5 11.07 -0.64 2.47
CA GLY A 5 10.72 -0.28 1.11
C GLY A 5 9.28 0.18 1.01
N TRP A 6 8.70 0.49 2.16
CA TRP A 6 7.29 0.85 2.26
C TRP A 6 7.00 2.35 2.09
N GLU A 7 5.93 2.63 1.34
CA GLU A 7 5.32 3.97 1.23
C GLU A 7 3.91 3.89 1.83
N LYS A 8 3.69 4.60 2.93
CA LYS A 8 2.54 4.36 3.82
C LYS A 8 1.40 5.37 3.63
N ARG A 9 0.31 4.96 2.98
CA ARG A 9 -0.93 5.75 3.04
C ARG A 9 -2.13 4.79 2.90
N MET A 10 -3.25 5.13 3.50
CA MET A 10 -4.39 4.22 3.52
C MET A 10 -5.29 4.43 2.32
N SER A 11 -5.90 3.35 1.85
CA SER A 11 -6.87 3.43 0.78
C SER A 11 -8.24 3.63 1.38
N ARG A 12 -8.73 4.86 1.24
CA ARG A 12 -9.95 5.30 1.89
C ARG A 12 -11.17 4.68 1.22
N SER A 13 -10.94 4.05 0.08
CA SER A 13 -11.99 3.43 -0.71
C SER A 13 -12.51 2.15 -0.06
N SER A 14 -11.89 1.02 -0.39
CA SER A 14 -12.39 -0.27 0.02
C SER A 14 -11.88 -0.68 1.40
N GLY A 15 -10.94 0.07 1.95
CA GLY A 15 -10.34 -0.30 3.22
C GLY A 15 -9.14 -1.21 3.00
N ARG A 16 -8.10 -0.64 2.43
CA ARG A 16 -6.92 -1.39 2.00
C ARG A 16 -5.68 -0.61 2.39
N VAL A 17 -4.52 -1.23 2.66
CA VAL A 17 -3.38 -0.40 2.83
C VAL A 17 -2.69 -0.35 1.49
N TYR A 18 -2.61 0.82 0.89
CA TYR A 18 -1.87 0.87 -0.32
C TYR A 18 -0.49 1.19 0.19
N TYR A 19 0.36 0.23 0.07
CA TYR A 19 1.61 0.29 0.74
C TYR A 19 2.63 0.02 -0.34
N PHE A 20 3.24 1.07 -0.80
CA PHE A 20 3.91 1.07 -2.09
C PHE A 20 5.41 0.86 -1.94
N ASN A 21 5.93 -0.18 -2.58
CA ASN A 21 7.32 -0.52 -2.42
C ASN A 21 8.14 0.20 -3.48
N HIS A 22 8.80 1.26 -3.03
CA HIS A 22 9.54 2.16 -3.92
C HIS A 22 10.85 1.55 -4.43
N ILE A 23 10.99 0.24 -4.28
CA ILE A 23 12.14 -0.46 -4.85
C ILE A 23 11.91 -0.67 -6.34
N THR A 24 10.90 -1.46 -6.65
CA THR A 24 10.47 -1.65 -8.04
C THR A 24 9.40 -0.60 -8.38
N ASN A 25 8.89 0.04 -7.32
CA ASN A 25 7.85 1.06 -7.42
C ASN A 25 6.51 0.48 -7.84
N ALA A 26 5.78 -0.05 -6.86
CA ALA A 26 4.45 -0.60 -7.09
C ALA A 26 3.60 -0.43 -5.83
N SER A 27 2.32 -0.15 -6.00
CA SER A 27 1.44 0.05 -4.86
C SER A 27 0.66 -1.21 -4.54
N GLN A 28 0.84 -1.72 -3.32
CA GLN A 28 0.10 -2.90 -2.92
C GLN A 28 -1.22 -2.51 -2.24
N TRP A 29 -2.29 -3.06 -2.78
CA TRP A 29 -3.64 -3.08 -2.21
C TRP A 29 -3.75 -3.55 -0.73
N GLU A 30 -2.66 -4.02 -0.20
CA GLU A 30 -2.59 -5.08 0.81
C GLU A 30 -2.25 -4.53 2.20
N ARG A 31 -2.51 -5.33 3.22
CA ARG A 31 -1.87 -5.08 4.50
C ARG A 31 -0.99 -6.27 4.89
N PRO A 32 0.32 -6.03 5.04
CA PRO A 32 1.30 -7.09 5.34
C PRO A 32 1.23 -7.57 6.79
N SER A 33 0.57 -6.79 7.63
CA SER A 33 0.45 -7.09 9.05
C SER A 33 -0.94 -7.59 9.39
N GLY A 34 -1.76 -7.79 8.37
CA GLY A 34 -3.11 -8.23 8.58
C GLY A 34 -3.60 -9.09 7.42
N ASN A 35 -4.90 -9.19 7.27
CA ASN A 35 -5.48 -9.98 6.19
C ASN A 35 -6.52 -9.17 5.42
N SER A 36 -7.11 -8.19 6.07
CA SER A 36 -8.11 -7.33 5.45
C SER A 36 -8.10 -5.96 6.13
N ILE B 1 3.46 10.08 -7.94
CA ILE B 1 3.21 9.94 -6.49
C ILE B 1 2.25 8.77 -6.24
N PRO B 2 2.57 7.90 -5.26
CA PRO B 2 1.66 6.83 -4.89
C PRO B 2 0.67 7.23 -3.80
N GLU B 3 -0.62 7.32 -4.15
CA GLU B 3 -1.69 7.31 -3.16
C GLU B 3 -2.97 6.72 -3.77
N TPO B 4 -3.79 6.02 -2.95
CA TPO B 4 -5.20 5.76 -3.31
CB TPO B 4 -6.09 7.03 -3.21
CG2 TPO B 4 -5.86 8.03 -4.34
OG1 TPO B 4 -7.48 6.63 -3.20
P TPO B 4 -8.28 6.20 -1.86
O1P TPO B 4 -9.56 6.93 -1.84
O2P TPO B 4 -8.52 4.75 -1.87
O3P TPO B 4 -7.50 6.57 -0.68
C TPO B 4 -5.44 4.92 -4.58
O TPO B 4 -5.83 5.44 -5.63
H TPO B 4 -3.44 5.69 -2.11
HA TPO B 4 -5.54 5.13 -2.50
HB TPO B 4 -5.87 7.51 -2.28
HG21 TPO B 4 -4.83 8.38 -4.30
HG22 TPO B 4 -6.53 8.87 -4.22
HG23 TPO B 4 -6.04 7.55 -5.29
N PRO B 5 -5.15 3.60 -4.51
CA PRO B 5 -5.17 2.67 -5.67
C PRO B 5 -6.54 2.42 -6.35
N PRO B 6 -7.72 2.60 -5.66
CA PRO B 6 -8.95 1.83 -5.92
C PRO B 6 -9.21 1.39 -7.38
N PRO B 7 -9.19 2.30 -8.39
CA PRO B 7 -9.49 1.93 -9.78
C PRO B 7 -8.54 0.87 -10.35
N GLY B 8 -7.38 0.71 -9.74
CA GLY B 8 -6.42 -0.26 -10.21
C GLY B 8 -5.91 -1.13 -9.09
N LYS A 1 8.87 -4.71 11.92
CA LYS A 1 9.01 -3.43 11.19
C LYS A 1 8.41 -3.53 9.79
N LEU A 2 7.90 -4.73 9.44
CA LEU A 2 7.37 -5.00 8.11
C LEU A 2 8.48 -4.88 7.06
N PRO A 3 8.19 -5.14 5.77
CA PRO A 3 9.15 -4.86 4.69
C PRO A 3 9.54 -3.38 4.64
N PRO A 4 10.85 -3.10 4.70
CA PRO A 4 11.39 -1.73 4.80
C PRO A 4 11.19 -0.88 3.55
N GLY A 5 10.56 -1.44 2.53
CA GLY A 5 10.29 -0.68 1.33
C GLY A 5 8.87 -0.16 1.30
N TRP A 6 8.26 -0.09 2.46
CA TRP A 6 6.84 0.23 2.60
C TRP A 6 6.52 1.73 2.74
N GLU A 7 5.60 2.20 1.87
CA GLU A 7 4.95 3.51 1.98
C GLU A 7 3.48 3.27 2.39
N LYS A 8 3.09 3.72 3.58
CA LYS A 8 1.79 3.35 4.17
C LYS A 8 0.74 4.44 4.00
N ARG A 9 -0.28 4.15 3.19
CA ARG A 9 -1.49 4.97 3.18
C ARG A 9 -2.65 4.04 2.80
N MET A 10 -3.78 4.16 3.46
CA MET A 10 -4.85 3.20 3.26
C MET A 10 -5.77 3.66 2.14
N SER A 11 -6.33 2.69 1.44
CA SER A 11 -7.23 2.96 0.34
C SER A 11 -8.64 3.04 0.87
N ARG A 12 -9.17 4.25 0.81
CA ARG A 12 -10.44 4.58 1.45
C ARG A 12 -11.60 4.06 0.62
N SER A 13 -11.28 3.57 -0.56
CA SER A 13 -12.26 3.05 -1.50
C SER A 13 -12.79 1.69 -1.04
N SER A 14 -12.07 0.63 -1.39
CA SER A 14 -12.51 -0.74 -1.16
C SER A 14 -12.08 -1.28 0.21
N GLY A 15 -11.21 -0.56 0.90
CA GLY A 15 -10.67 -1.06 2.17
C GLY A 15 -9.45 -1.93 1.94
N ARG A 16 -8.43 -1.32 1.37
CA ARG A 16 -7.22 -2.01 0.93
C ARG A 16 -6.02 -1.28 1.49
N VAL A 17 -4.89 -1.93 1.78
CA VAL A 17 -3.76 -1.12 2.08
C VAL A 17 -3.01 -0.91 0.80
N TYR A 18 -2.92 0.32 0.36
CA TYR A 18 -2.10 0.53 -0.77
C TYR A 18 -0.75 0.80 -0.14
N TYR A 19 0.10 -0.16 -0.30
CA TYR A 19 1.30 -0.16 0.46
C TYR A 19 2.39 -0.25 -0.59
N PHE A 20 3.08 0.84 -0.78
CA PHE A 20 3.87 1.05 -1.98
C PHE A 20 5.36 0.96 -1.71
N ASN A 21 6.03 0.10 -2.45
CA ASN A 21 7.46 -0.02 -2.33
C ASN A 21 8.15 0.91 -3.31
N HIS A 22 8.91 1.84 -2.76
CA HIS A 22 9.63 2.81 -3.57
C HIS A 22 10.89 2.19 -4.17
N ILE A 23 11.10 0.90 -3.90
CA ILE A 23 12.24 0.18 -4.43
C ILE A 23 12.01 -0.13 -5.91
N THR A 24 11.05 -1.00 -6.18
CA THR A 24 10.72 -1.40 -7.53
C THR A 24 9.65 -0.46 -8.11
N ASN A 25 9.08 0.38 -7.25
CA ASN A 25 7.99 1.29 -7.60
C ASN A 25 6.72 0.50 -7.89
N ALA A 26 6.07 0.06 -6.83
CA ALA A 26 4.84 -0.72 -6.96
C ALA A 26 3.93 -0.49 -5.76
N SER A 27 2.70 -0.08 -6.05
CA SER A 27 1.70 0.14 -5.01
C SER A 27 0.78 -1.07 -4.94
N GLN A 28 0.76 -1.75 -3.80
CA GLN A 28 -0.06 -2.93 -3.66
C GLN A 28 -1.45 -2.58 -3.11
N TRP A 29 -2.43 -3.27 -3.63
CA TRP A 29 -3.83 -3.30 -3.17
C TRP A 29 -4.00 -3.88 -1.74
N GLU A 30 -2.93 -4.41 -1.22
CA GLU A 30 -2.89 -5.54 -0.29
C GLU A 30 -2.58 -5.09 1.13
N ARG A 31 -2.86 -5.93 2.11
CA ARG A 31 -2.20 -5.74 3.40
C ARG A 31 -1.37 -6.97 3.77
N PRO A 32 -0.06 -6.76 3.98
CA PRO A 32 0.90 -7.82 4.34
C PRO A 32 0.82 -8.20 5.81
N SER A 33 0.08 -7.39 6.56
CA SER A 33 0.00 -7.52 8.00
C SER A 33 -1.43 -7.84 8.43
N GLY A 34 -1.58 -8.37 9.63
CA GLY A 34 -2.91 -8.67 10.14
C GLY A 34 -3.50 -7.52 10.92
N ASN A 35 -2.67 -6.57 11.33
CA ASN A 35 -3.13 -5.47 12.17
C ASN A 35 -2.28 -4.22 12.02
N SER A 36 -1.35 -4.24 11.07
CA SER A 36 -0.42 -3.14 10.91
C SER A 36 -0.72 -2.34 9.65
N ILE B 1 4.02 10.29 -6.87
CA ILE B 1 3.65 10.19 -5.44
C ILE B 1 2.54 9.15 -5.25
N PRO B 2 2.67 8.28 -4.25
CA PRO B 2 1.70 7.22 -4.00
C PRO B 2 0.55 7.65 -3.09
N GLU B 3 -0.68 7.65 -3.62
CA GLU B 3 -1.88 7.46 -2.79
C GLU B 3 -3.03 6.81 -3.60
N TPO B 4 -3.86 5.99 -2.93
CA TPO B 4 -5.22 5.67 -3.43
CB TPO B 4 -6.22 6.86 -3.32
CG2 TPO B 4 -5.97 7.95 -4.34
OG1 TPO B 4 -7.56 6.36 -3.45
P TPO B 4 -8.47 5.80 -2.22
O1P TPO B 4 -9.79 6.42 -2.32
O2P TPO B 4 -7.85 6.18 -0.95
O3P TPO B 4 -8.60 4.35 -2.30
C TPO B 4 -5.31 4.91 -4.77
O TPO B 4 -5.62 5.49 -5.81
H TPO B 4 -3.57 5.59 -2.09
HA TPO B 4 -5.58 4.95 -2.69
HB TPO B 4 -6.10 7.27 -2.32
HG21 TPO B 4 -4.98 8.37 -4.20
HG22 TPO B 4 -6.71 8.74 -4.21
HG23 TPO B 4 -6.05 7.55 -5.34
N PRO B 5 -4.96 3.60 -4.77
CA PRO B 5 -4.85 2.77 -5.99
C PRO B 5 -6.10 2.75 -6.90
N PRO B 6 -7.36 2.76 -6.33
CA PRO B 6 -8.53 2.12 -6.95
C PRO B 6 -8.61 2.27 -8.48
N PRO B 7 -9.08 1.24 -9.19
CA PRO B 7 -9.11 1.24 -10.67
C PRO B 7 -9.68 2.53 -11.25
N GLY B 8 -8.84 3.26 -11.95
CA GLY B 8 -9.21 4.54 -12.51
C GLY B 8 -8.00 5.41 -12.73
N LYS A 1 9.36 -4.54 11.24
CA LYS A 1 9.70 -5.93 10.88
C LYS A 1 8.83 -6.43 9.73
N LEU A 2 8.17 -5.50 9.04
CA LEU A 2 7.45 -5.80 7.81
C LEU A 2 8.42 -5.69 6.63
N PRO A 3 7.94 -5.79 5.37
CA PRO A 3 8.80 -5.52 4.21
C PRO A 3 9.36 -4.08 4.24
N PRO A 4 10.70 -3.94 4.39
CA PRO A 4 11.42 -2.63 4.40
C PRO A 4 11.20 -1.75 3.16
N GLY A 5 10.06 -1.85 2.53
CA GLY A 5 9.76 -1.03 1.37
C GLY A 5 8.36 -0.45 1.44
N TRP A 6 7.81 -0.38 2.64
CA TRP A 6 6.40 -0.06 2.83
C TRP A 6 6.09 1.45 2.97
N GLU A 7 5.30 1.95 2.02
CA GLU A 7 4.63 3.26 2.08
C GLU A 7 3.15 3.00 2.41
N LYS A 8 2.67 3.49 3.56
CA LYS A 8 1.38 3.03 4.09
C LYS A 8 0.31 4.11 4.06
N ARG A 9 -0.73 3.89 3.27
CA ARG A 9 -1.97 4.64 3.38
C ARG A 9 -3.11 3.73 2.92
N MET A 10 -4.28 3.86 3.49
CA MET A 10 -5.34 2.93 3.23
C MET A 10 -6.15 3.40 2.04
N SER A 11 -6.68 2.45 1.29
CA SER A 11 -7.52 2.75 0.16
C SER A 11 -8.95 2.84 0.64
N ARG A 12 -9.43 4.06 0.68
CA ARG A 12 -10.70 4.37 1.30
C ARG A 12 -11.84 4.05 0.34
N SER A 13 -11.47 3.56 -0.82
CA SER A 13 -12.39 3.13 -1.84
C SER A 13 -12.94 1.73 -1.54
N SER A 14 -12.14 0.72 -1.84
CA SER A 14 -12.59 -0.68 -1.78
C SER A 14 -12.39 -1.31 -0.39
N GLY A 15 -11.67 -0.63 0.49
CA GLY A 15 -11.34 -1.23 1.78
C GLY A 15 -10.16 -2.17 1.64
N ARG A 16 -9.03 -1.61 1.26
CA ARG A 16 -7.85 -2.37 0.86
C ARG A 16 -6.61 -1.56 1.21
N VAL A 17 -5.44 -2.13 1.51
CA VAL A 17 -4.37 -1.26 1.84
C VAL A 17 -3.56 -1.03 0.58
N TYR A 18 -3.42 0.22 0.20
CA TYR A 18 -2.57 0.47 -0.90
C TYR A 18 -1.23 0.69 -0.21
N TYR A 19 -0.40 -0.29 -0.37
CA TYR A 19 0.78 -0.34 0.40
C TYR A 19 1.90 -0.49 -0.61
N PHE A 20 2.66 0.55 -0.75
CA PHE A 20 3.51 0.72 -1.92
C PHE A 20 4.97 0.56 -1.58
N ASN A 21 5.69 -0.19 -2.40
CA ASN A 21 7.09 -0.40 -2.16
C ASN A 21 7.89 0.68 -2.85
N HIS A 22 8.44 1.57 -2.03
CA HIS A 22 9.20 2.71 -2.53
C HIS A 22 10.57 2.30 -3.04
N ILE A 23 10.81 1.00 -3.10
CA ILE A 23 12.05 0.48 -3.66
C ILE A 23 11.90 0.27 -5.16
N THR A 24 11.10 -0.73 -5.54
CA THR A 24 10.90 -1.06 -6.94
C THR A 24 9.78 -0.20 -7.54
N ASN A 25 9.08 0.52 -6.67
CA ASN A 25 7.98 1.42 -7.06
C ASN A 25 6.80 0.62 -7.61
N ALA A 26 6.03 0.04 -6.69
CA ALA A 26 4.80 -0.66 -7.04
C ALA A 26 3.82 -0.56 -5.88
N SER A 27 2.56 -0.30 -6.18
CA SER A 27 1.54 -0.16 -5.13
C SER A 27 0.65 -1.39 -5.07
N GLN A 28 0.57 -2.00 -3.88
CA GLN A 28 -0.31 -3.15 -3.71
C GLN A 28 -1.65 -2.71 -3.13
N TRP A 29 -2.69 -3.35 -3.61
CA TRP A 29 -4.09 -3.19 -3.16
C TRP A 29 -4.31 -3.79 -1.76
N GLU A 30 -3.30 -4.47 -1.30
CA GLU A 30 -3.36 -5.61 -0.42
C GLU A 30 -3.08 -5.20 1.03
N ARG A 31 -3.44 -6.04 1.98
CA ARG A 31 -2.86 -5.88 3.31
C ARG A 31 -2.04 -7.11 3.71
N PRO A 32 -0.75 -6.88 3.99
CA PRO A 32 0.17 -7.94 4.43
C PRO A 32 -0.06 -8.29 5.91
N SER A 33 0.31 -7.37 6.78
CA SER A 33 0.01 -7.45 8.20
C SER A 33 -0.61 -6.15 8.66
N GLY A 34 0.19 -5.08 8.61
CA GLY A 34 -0.33 -3.75 8.92
C GLY A 34 -0.28 -3.43 10.39
N ASN A 35 0.55 -4.16 11.14
CA ASN A 35 0.67 -3.92 12.58
C ASN A 35 1.24 -2.54 12.84
N SER A 36 2.09 -2.09 11.94
CA SER A 36 2.62 -0.75 12.00
C SER A 36 1.70 0.18 11.23
N ILE B 1 4.22 10.84 -5.39
CA ILE B 1 3.56 10.47 -4.12
C ILE B 1 2.55 9.36 -4.37
N PRO B 2 2.64 8.25 -3.62
CA PRO B 2 1.69 7.15 -3.71
C PRO B 2 0.50 7.31 -2.76
N GLU B 3 -0.72 7.47 -3.28
CA GLU B 3 -1.95 7.27 -2.48
C GLU B 3 -3.11 6.81 -3.39
N TPO B 4 -4.01 5.96 -2.85
CA TPO B 4 -5.35 5.81 -3.43
CB TPO B 4 -6.24 7.08 -3.32
CG2 TPO B 4 -5.96 8.13 -4.40
OG1 TPO B 4 -7.62 6.71 -3.35
P TPO B 4 -8.34 5.82 -2.19
O1P TPO B 4 -8.57 4.46 -2.70
O2P TPO B 4 -9.62 6.44 -1.84
O3P TPO B 4 -7.46 5.77 -1.03
C TPO B 4 -5.42 5.10 -4.81
O TPO B 4 -5.56 5.73 -5.86
H TPO B 4 -3.78 5.44 -2.07
HA TPO B 4 -5.83 5.10 -2.76
HB TPO B 4 -6.02 7.52 -2.36
HG21 TPO B 4 -4.93 8.45 -4.33
HG22 TPO B 4 -6.62 8.97 -4.25
HG23 TPO B 4 -6.13 7.70 -5.37
N PRO B 5 -5.20 3.76 -4.83
CA PRO B 5 -4.93 2.97 -6.05
C PRO B 5 -6.09 2.84 -7.08
N PRO B 6 -7.41 3.05 -6.73
CA PRO B 6 -8.53 2.37 -7.40
C PRO B 6 -8.43 2.33 -8.93
N PRO B 7 -8.90 1.24 -9.57
CA PRO B 7 -8.77 1.04 -11.01
C PRO B 7 -9.35 2.20 -11.82
N GLY B 8 -8.58 2.66 -12.80
CA GLY B 8 -9.00 3.80 -13.60
C GLY B 8 -9.25 3.40 -15.04
N LYS A 1 10.23 -6.70 11.59
CA LYS A 1 10.54 -5.45 10.85
C LYS A 1 9.75 -5.38 9.56
N LEU A 2 9.08 -4.25 9.35
CA LEU A 2 8.38 -4.02 8.09
C LEU A 2 9.40 -3.67 7.02
N PRO A 3 9.10 -3.96 5.74
CA PRO A 3 9.99 -3.62 4.63
C PRO A 3 10.26 -2.12 4.55
N PRO A 4 11.54 -1.74 4.58
CA PRO A 4 11.97 -0.33 4.57
C PRO A 4 11.74 0.37 3.23
N GLY A 5 11.06 -0.30 2.34
CA GLY A 5 10.68 0.31 1.08
C GLY A 5 9.22 0.73 1.09
N TRP A 6 8.68 0.87 2.28
CA TRP A 6 7.26 1.13 2.47
C TRP A 6 6.87 2.63 2.49
N GLU A 7 5.95 2.98 1.60
CA GLU A 7 5.20 4.24 1.64
C GLU A 7 3.79 3.95 2.15
N LYS A 8 3.45 4.49 3.33
CA LYS A 8 2.22 4.11 4.03
C LYS A 8 1.09 5.10 3.81
N ARG A 9 0.06 4.70 3.06
CA ARG A 9 -1.17 5.49 3.00
C ARG A 9 -2.35 4.54 2.75
N MET A 10 -3.48 4.83 3.35
CA MET A 10 -4.59 3.88 3.36
C MET A 10 -5.48 4.09 2.15
N SER A 11 -5.98 2.99 1.60
CA SER A 11 -6.92 3.06 0.50
C SER A 11 -8.31 3.13 1.08
N ARG A 12 -8.87 4.32 1.03
CA ARG A 12 -10.06 4.68 1.78
C ARG A 12 -11.31 4.10 1.11
N SER A 13 -11.18 3.75 -0.15
CA SER A 13 -12.30 3.19 -0.90
C SER A 13 -12.71 1.82 -0.34
N SER A 14 -11.96 0.80 -0.69
CA SER A 14 -12.33 -0.56 -0.39
C SER A 14 -11.81 -1.06 0.97
N GLY A 15 -10.92 -0.31 1.62
CA GLY A 15 -10.43 -0.70 2.95
C GLY A 15 -9.25 -1.68 2.87
N ARG A 16 -8.17 -1.20 2.30
CA ARG A 16 -7.00 -2.03 1.98
C ARG A 16 -5.75 -1.14 2.04
N VAL A 17 -4.53 -1.63 2.36
CA VAL A 17 -3.47 -0.68 2.48
C VAL A 17 -2.78 -0.59 1.15
N TYR A 18 -2.68 0.60 0.61
CA TYR A 18 -1.85 0.72 -0.53
C TYR A 18 -0.51 1.06 0.08
N TYR A 19 0.34 0.09 0.08
CA TYR A 19 1.57 0.24 0.76
C TYR A 19 2.62 0.07 -0.31
N PHE A 20 3.22 1.16 -0.68
CA PHE A 20 3.97 1.25 -1.93
C PHE A 20 5.46 1.16 -1.71
N ASN A 21 6.08 0.20 -2.40
CA ASN A 21 7.52 0.04 -2.30
C ASN A 21 8.20 0.89 -3.36
N HIS A 22 8.97 1.87 -2.90
CA HIS A 22 9.71 2.74 -3.79
C HIS A 22 10.97 2.03 -4.30
N ILE A 23 11.19 0.82 -3.80
CA ILE A 23 12.32 0.01 -4.21
C ILE A 23 12.06 -0.65 -5.57
N THR A 24 11.03 -1.49 -5.62
CA THR A 24 10.67 -2.16 -6.87
C THR A 24 9.65 -1.31 -7.64
N ASN A 25 9.15 -0.27 -6.97
CA ASN A 25 8.12 0.61 -7.51
C ASN A 25 6.83 -0.16 -7.77
N ALA A 26 6.14 -0.48 -6.69
CA ALA A 26 4.87 -1.19 -6.77
C ALA A 26 3.98 -0.81 -5.59
N SER A 27 2.76 -0.40 -5.90
CA SER A 27 1.79 -0.10 -4.87
C SER A 27 0.96 -1.33 -4.58
N GLN A 28 1.01 -1.84 -3.35
CA GLN A 28 0.24 -3.01 -3.01
C GLN A 28 -1.15 -2.61 -2.50
N TRP A 29 -2.08 -3.48 -2.75
CA TRP A 29 -3.49 -3.38 -2.36
C TRP A 29 -3.79 -3.75 -0.90
N GLU A 30 -2.80 -4.29 -0.24
CA GLU A 30 -2.95 -5.19 0.89
C GLU A 30 -2.29 -4.60 2.13
N ARG A 31 -2.61 -5.09 3.30
CA ARG A 31 -1.71 -4.85 4.43
C ARG A 31 -0.92 -6.11 4.76
N PRO A 32 0.42 -5.97 4.83
CA PRO A 32 1.35 -7.10 5.01
C PRO A 32 1.24 -7.77 6.37
N SER A 33 0.50 -7.12 7.28
CA SER A 33 0.33 -7.64 8.62
C SER A 33 -1.10 -8.12 8.83
N GLY A 34 -1.86 -8.18 7.73
CA GLY A 34 -3.25 -8.56 7.82
C GLY A 34 -4.15 -7.38 7.52
N ASN A 35 -5.33 -7.65 6.97
CA ASN A 35 -6.25 -6.57 6.59
C ASN A 35 -7.00 -6.05 7.82
N SER A 36 -6.68 -6.61 8.98
CA SER A 36 -7.28 -6.19 10.23
C SER A 36 -6.26 -6.32 11.36
N ILE B 1 2.98 11.41 -4.98
CA ILE B 1 3.27 10.41 -6.03
C ILE B 1 2.39 9.16 -5.83
N PRO B 2 2.59 8.39 -4.74
CA PRO B 2 1.67 7.29 -4.39
C PRO B 2 0.52 7.74 -3.50
N GLU B 3 -0.73 7.65 -3.99
CA GLU B 3 -1.89 7.52 -3.10
C GLU B 3 -3.05 6.76 -3.77
N TPO B 4 -3.83 5.97 -2.99
CA TPO B 4 -5.20 5.60 -3.39
CB TPO B 4 -6.22 6.75 -3.30
CG2 TPO B 4 -6.04 7.81 -4.39
OG1 TPO B 4 -7.57 6.22 -3.37
P TPO B 4 -8.51 5.95 -2.07
O1P TPO B 4 -9.58 6.94 -2.07
O2P TPO B 4 -9.08 4.60 -2.14
O3P TPO B 4 -7.71 6.08 -0.84
C TPO B 4 -5.34 4.74 -4.68
O TPO B 4 -5.72 5.25 -5.73
H TPO B 4 -3.48 5.66 -2.14
HA TPO B 4 -5.50 4.91 -2.59
HB TPO B 4 -6.09 7.22 -2.33
HG21 TPO B 4 -6.78 8.59 -4.25
HG22 TPO B 4 -6.17 7.35 -5.36
HG23 TPO B 4 -5.05 8.24 -4.30
N PRO B 5 -4.94 3.45 -4.62
CA PRO B 5 -4.79 2.58 -5.82
C PRO B 5 -6.06 2.40 -6.69
N PRO B 6 -7.31 2.35 -6.10
CA PRO B 6 -8.43 1.56 -6.64
C PRO B 6 -8.46 1.49 -8.19
N PRO B 7 -8.66 0.30 -8.77
CA PRO B 7 -8.51 0.09 -10.22
C PRO B 7 -9.49 0.93 -11.03
N GLY B 8 -8.96 1.75 -11.92
CA GLY B 8 -9.79 2.58 -12.76
C GLY B 8 -9.05 3.03 -14.00
N LYS A 1 9.41 -5.31 12.76
CA LYS A 1 9.91 -4.69 11.51
C LYS A 1 8.96 -4.94 10.35
N LEU A 2 8.40 -3.86 9.82
CA LEU A 2 7.64 -3.93 8.58
C LEU A 2 8.63 -4.10 7.42
N PRO A 3 8.15 -4.57 6.27
CA PRO A 3 9.01 -4.74 5.10
C PRO A 3 9.63 -3.40 4.65
N PRO A 4 10.97 -3.35 4.60
CA PRO A 4 11.70 -2.14 4.28
C PRO A 4 11.45 -1.69 2.85
N GLY A 5 11.13 -0.43 2.69
CA GLY A 5 10.74 0.09 1.41
C GLY A 5 9.29 0.54 1.41
N TRP A 6 8.74 0.70 2.61
CA TRP A 6 7.34 1.04 2.77
C TRP A 6 7.05 2.55 2.82
N GLU A 7 6.29 2.99 1.82
CA GLU A 7 5.61 4.29 1.83
C GLU A 7 4.15 4.04 2.17
N LYS A 8 3.72 4.54 3.31
CA LYS A 8 2.37 4.29 3.80
C LYS A 8 1.41 5.35 3.29
N ARG A 9 0.52 4.97 2.38
CA ARG A 9 -0.52 5.88 1.93
C ARG A 9 -1.80 5.03 1.77
N MET A 10 -2.87 5.42 2.45
CA MET A 10 -4.04 4.53 2.61
C MET A 10 -5.09 4.75 1.52
N SER A 11 -5.69 3.64 1.05
CA SER A 11 -6.78 3.72 0.07
C SER A 11 -8.11 3.84 0.79
N ARG A 12 -8.72 5.00 0.65
CA ARG A 12 -9.94 5.34 1.39
C ARG A 12 -11.17 4.76 0.71
N SER A 13 -10.95 4.19 -0.47
CA SER A 13 -12.01 3.55 -1.23
C SER A 13 -12.46 2.25 -0.58
N SER A 14 -11.81 1.16 -0.96
CA SER A 14 -12.18 -0.16 -0.52
C SER A 14 -11.67 -0.45 0.90
N GLY A 15 -10.81 0.42 1.41
CA GLY A 15 -10.26 0.21 2.74
C GLY A 15 -9.15 -0.82 2.73
N ARG A 16 -8.08 -0.49 2.02
CA ARG A 16 -6.99 -1.42 1.80
C ARG A 16 -5.71 -0.62 1.65
N VAL A 17 -4.53 -1.14 2.01
CA VAL A 17 -3.41 -0.24 2.09
C VAL A 17 -2.71 -0.24 0.76
N TYR A 18 -2.54 0.93 0.18
CA TYR A 18 -1.70 0.97 -0.96
C TYR A 18 -0.34 1.36 -0.42
N TYR A 19 0.41 0.32 -0.18
CA TYR A 19 1.59 0.44 0.58
C TYR A 19 2.71 0.32 -0.44
N PHE A 20 3.39 1.39 -0.68
CA PHE A 20 4.17 1.53 -1.88
C PHE A 20 5.65 1.36 -1.61
N ASN A 21 6.23 0.39 -2.27
CA ASN A 21 7.64 0.10 -2.08
C ASN A 21 8.48 0.92 -3.05
N HIS A 22 9.28 1.80 -2.49
CA HIS A 22 10.15 2.66 -3.30
C HIS A 22 11.41 1.91 -3.72
N ILE A 23 11.41 0.60 -3.49
CA ILE A 23 12.49 -0.26 -3.93
C ILE A 23 12.27 -0.66 -5.40
N THR A 24 11.14 -1.32 -5.65
CA THR A 24 10.77 -1.71 -7.00
C THR A 24 9.93 -0.61 -7.65
N ASN A 25 9.47 0.32 -6.82
CA ASN A 25 8.59 1.42 -7.22
C ASN A 25 7.23 0.88 -7.65
N ALA A 26 6.48 0.40 -6.68
CA ALA A 26 5.16 -0.17 -6.93
C ALA A 26 4.25 0.04 -5.73
N SER A 27 3.00 0.39 -5.99
CA SER A 27 2.02 0.57 -4.95
C SER A 27 1.20 -0.70 -4.78
N GLN A 28 1.31 -1.34 -3.62
CA GLN A 28 0.58 -2.58 -3.40
C GLN A 28 -0.77 -2.31 -2.74
N TRP A 29 -1.82 -2.75 -3.43
CA TRP A 29 -3.19 -2.90 -2.92
C TRP A 29 -3.37 -3.45 -1.47
N GLU A 30 -2.28 -3.88 -0.88
CA GLU A 30 -2.23 -4.94 0.12
C GLU A 30 -2.12 -4.40 1.55
N ARG A 31 -2.43 -5.24 2.51
CA ARG A 31 -2.01 -4.99 3.88
C ARG A 31 -1.13 -6.12 4.41
N PRO A 32 0.17 -5.81 4.65
CA PRO A 32 1.17 -6.79 5.08
C PRO A 32 1.11 -7.12 6.58
N SER A 33 0.40 -6.31 7.33
CA SER A 33 0.35 -6.48 8.77
C SER A 33 -1.06 -6.82 9.22
N GLY A 34 -1.26 -8.06 9.65
CA GLY A 34 -2.57 -8.52 10.03
C GLY A 34 -2.94 -9.77 9.28
N ASN A 35 -4.17 -10.22 9.42
CA ASN A 35 -4.63 -11.41 8.69
C ASN A 35 -5.79 -11.05 7.77
N SER A 36 -6.46 -9.96 8.08
CA SER A 36 -7.59 -9.48 7.31
C SER A 36 -7.80 -8.00 7.57
N ILE B 1 4.04 9.89 -7.45
CA ILE B 1 3.66 9.84 -6.02
C ILE B 1 2.64 8.72 -5.80
N PRO B 2 2.69 8.04 -4.66
CA PRO B 2 1.70 7.02 -4.30
C PRO B 2 0.51 7.58 -3.55
N GLU B 3 -0.61 7.75 -4.26
CA GLU B 3 -1.90 8.01 -3.62
C GLU B 3 -3.08 7.47 -4.44
N TPO B 4 -3.71 6.39 -3.93
CA TPO B 4 -5.11 6.04 -4.25
CB TPO B 4 -6.15 7.14 -3.98
CG2 TPO B 4 -6.12 8.30 -4.96
OG1 TPO B 4 -7.46 6.57 -3.95
P TPO B 4 -8.36 6.39 -2.60
O1P TPO B 4 -9.50 7.30 -2.69
O2P TPO B 4 -8.80 4.99 -2.50
O3P TPO B 4 -7.54 6.74 -1.44
C TPO B 4 -5.35 5.18 -5.52
O TPO B 4 -5.78 5.69 -6.57
H TPO B 4 -3.23 5.82 -3.32
HA TPO B 4 -5.32 5.32 -3.47
HB TPO B 4 -5.92 7.50 -2.98
HG21 TPO B 4 -6.29 7.92 -5.97
HG22 TPO B 4 -5.16 8.79 -4.92
HG23 TPO B 4 -6.90 9.00 -4.71
N PRO B 5 -5.00 3.88 -5.43
CA PRO B 5 -5.03 2.91 -6.55
C PRO B 5 -6.44 2.58 -7.13
N PRO B 6 -7.56 2.69 -6.35
CA PRO B 6 -8.75 1.83 -6.52
C PRO B 6 -9.20 1.69 -7.98
N PRO B 7 -9.55 0.46 -8.42
CA PRO B 7 -9.97 0.23 -9.80
C PRO B 7 -11.46 0.49 -10.01
N GLY B 8 -12.15 0.79 -8.92
CA GLY B 8 -13.57 1.02 -8.98
C GLY B 8 -14.21 0.90 -7.62
N LYS A 1 11.28 -1.89 11.46
CA LYS A 1 9.84 -2.23 11.60
C LYS A 1 9.21 -2.41 10.23
N LEU A 2 8.68 -3.61 9.99
CA LEU A 2 8.10 -3.96 8.68
C LEU A 2 9.19 -3.98 7.61
N PRO A 3 8.85 -4.37 6.36
CA PRO A 3 9.81 -4.30 5.25
C PRO A 3 10.31 -2.86 5.02
N PRO A 4 11.48 -2.67 4.33
CA PRO A 4 12.22 -1.42 4.34
C PRO A 4 11.90 -0.52 3.15
N GLY A 5 10.91 -0.91 2.36
CA GLY A 5 10.57 -0.14 1.19
C GLY A 5 9.13 0.30 1.21
N TRP A 6 8.61 0.50 2.40
CA TRP A 6 7.20 0.80 2.60
C TRP A 6 6.85 2.30 2.58
N GLU A 7 6.05 2.69 1.59
CA GLU A 7 5.35 3.98 1.57
C GLU A 7 3.92 3.74 2.07
N LYS A 8 3.58 4.29 3.22
CA LYS A 8 2.36 3.92 3.93
C LYS A 8 1.26 4.96 3.78
N ARG A 9 0.20 4.64 3.04
CA ARG A 9 -1.01 5.45 3.04
C ARG A 9 -2.21 4.53 2.76
N MET A 10 -3.34 4.82 3.37
CA MET A 10 -4.47 3.91 3.33
C MET A 10 -5.35 4.20 2.12
N SER A 11 -5.94 3.15 1.56
CA SER A 11 -6.86 3.31 0.45
C SER A 11 -8.26 3.49 1.01
N ARG A 12 -8.73 4.73 0.92
CA ARG A 12 -9.96 5.16 1.58
C ARG A 12 -11.18 4.50 0.98
N SER A 13 -11.05 4.08 -0.27
CA SER A 13 -12.16 3.48 -0.99
C SER A 13 -12.54 2.12 -0.39
N SER A 14 -11.71 1.12 -0.63
CA SER A 14 -12.05 -0.26 -0.30
C SER A 14 -11.60 -0.64 1.12
N GLY A 15 -10.81 0.21 1.75
CA GLY A 15 -10.26 -0.15 3.06
C GLY A 15 -9.14 -1.16 2.93
N ARG A 16 -8.15 -0.79 2.13
CA ARG A 16 -7.03 -1.67 1.78
C ARG A 16 -5.76 -0.85 1.92
N VAL A 17 -4.59 -1.42 2.25
CA VAL A 17 -3.47 -0.54 2.40
C VAL A 17 -2.73 -0.50 1.09
N TYR A 18 -2.61 0.68 0.53
CA TYR A 18 -1.82 0.80 -0.62
C TYR A 18 -0.46 1.09 -0.04
N TYR A 19 0.36 0.09 -0.12
CA TYR A 19 1.57 0.13 0.62
C TYR A 19 2.64 -0.09 -0.45
N PHE A 20 3.33 0.98 -0.76
CA PHE A 20 4.06 1.06 -2.02
C PHE A 20 5.56 0.98 -1.80
N ASN A 21 6.20 0.09 -2.53
CA ASN A 21 7.64 -0.06 -2.43
C ASN A 21 8.32 0.85 -3.44
N HIS A 22 9.11 1.78 -2.92
CA HIS A 22 9.75 2.78 -3.77
C HIS A 22 11.05 2.27 -4.38
N ILE A 23 11.40 1.02 -4.10
CA ILE A 23 12.60 0.44 -4.68
C ILE A 23 12.33 -0.15 -6.05
N THR A 24 11.35 -1.05 -6.14
CA THR A 24 10.96 -1.64 -7.42
C THR A 24 9.88 -0.80 -8.09
N ASN A 25 9.25 0.07 -7.29
CA ASN A 25 8.17 0.96 -7.73
C ASN A 25 6.90 0.16 -8.01
N ALA A 26 6.24 -0.24 -6.93
CA ALA A 26 4.98 -0.98 -7.02
C ALA A 26 4.09 -0.68 -5.81
N SER A 27 2.82 -0.45 -6.05
CA SER A 27 1.89 -0.17 -4.97
C SER A 27 1.04 -1.40 -4.67
N GLN A 28 1.08 -1.86 -3.43
CA GLN A 28 0.29 -3.01 -3.04
C GLN A 28 -1.07 -2.57 -2.49
N TRP A 29 -2.05 -3.42 -2.67
CA TRP A 29 -3.44 -3.24 -2.23
C TRP A 29 -3.66 -3.64 -0.76
N GLU A 30 -2.64 -4.22 -0.21
CA GLU A 30 -2.69 -5.20 0.89
C GLU A 30 -2.29 -4.54 2.20
N ARG A 31 -2.61 -5.18 3.31
CA ARG A 31 -1.84 -4.90 4.53
C ARG A 31 -1.09 -6.15 4.95
N PRO A 32 0.25 -6.04 5.00
CA PRO A 32 1.18 -7.18 5.24
C PRO A 32 1.16 -7.67 6.69
N SER A 33 0.51 -6.92 7.55
CA SER A 33 0.49 -7.23 8.97
C SER A 33 -0.80 -7.95 9.34
N GLY A 34 -1.57 -8.32 8.32
CA GLY A 34 -2.84 -8.96 8.54
C GLY A 34 -3.93 -8.32 7.70
N ASN A 35 -4.82 -9.14 7.15
CA ASN A 35 -5.91 -8.64 6.32
C ASN A 35 -7.19 -8.50 7.15
N SER A 36 -7.11 -8.84 8.42
CA SER A 36 -8.25 -8.69 9.31
C SER A 36 -7.88 -7.77 10.48
N ILE B 1 3.79 9.85 -7.91
CA ILE B 1 3.48 9.90 -6.47
C ILE B 1 2.45 8.82 -6.12
N PRO B 2 2.70 8.05 -5.05
CA PRO B 2 1.77 7.01 -4.62
C PRO B 2 0.72 7.51 -3.62
N GLU B 3 -0.55 7.53 -4.04
CA GLU B 3 -1.67 7.41 -3.09
C GLU B 3 -2.89 6.77 -3.78
N TPO B 4 -3.70 6.01 -3.03
CA TPO B 4 -5.08 5.71 -3.44
CB TPO B 4 -6.04 6.92 -3.38
CG2 TPO B 4 -5.81 7.95 -4.49
OG1 TPO B 4 -7.41 6.46 -3.44
P TPO B 4 -8.29 6.07 -2.12
O1P TPO B 4 -9.43 6.98 -2.05
O2P TPO B 4 -8.77 4.68 -2.23
O3P TPO B 4 -7.46 6.22 -0.92
C TPO B 4 -5.24 4.85 -4.72
O TPO B 4 -5.56 5.36 -5.80
H TPO B 4 -3.36 5.64 -2.18
HA TPO B 4 -5.43 5.05 -2.65
HB TPO B 4 -5.89 7.40 -2.43
HG21 TPO B 4 -5.91 7.47 -5.45
HG22 TPO B 4 -4.81 8.35 -4.40
HG23 TPO B 4 -6.54 8.74 -4.40
N PRO B 5 -4.91 3.53 -4.63
CA PRO B 5 -4.80 2.64 -5.80
C PRO B 5 -6.11 2.40 -6.61
N PRO B 6 -7.34 2.52 -6.01
CA PRO B 6 -8.52 1.77 -6.48
C PRO B 6 -8.72 1.82 -8.01
N PRO B 7 -8.99 0.67 -8.66
CA PRO B 7 -9.14 0.61 -10.12
C PRO B 7 -10.29 1.48 -10.61
N GLY B 8 -9.98 2.42 -11.49
CA GLY B 8 -10.99 3.31 -12.01
C GLY B 8 -10.68 3.73 -13.43
N LYS A 1 8.11 -4.27 13.06
CA LYS A 1 8.47 -3.18 12.13
C LYS A 1 8.31 -3.69 10.70
N LEU A 2 7.60 -2.93 9.88
CA LEU A 2 7.28 -3.34 8.52
C LEU A 2 8.52 -3.28 7.61
N PRO A 3 8.41 -3.81 6.38
CA PRO A 3 9.50 -3.71 5.40
C PRO A 3 9.85 -2.25 5.09
N PRO A 4 11.15 -1.92 5.13
CA PRO A 4 11.64 -0.54 4.95
C PRO A 4 11.42 -0.02 3.53
N GLY A 5 10.84 -0.85 2.68
CA GLY A 5 10.52 -0.42 1.34
C GLY A 5 9.11 0.13 1.24
N TRP A 6 8.49 0.32 2.40
CA TRP A 6 7.09 0.72 2.51
C TRP A 6 6.85 2.25 2.54
N GLU A 7 5.89 2.70 1.70
CA GLU A 7 5.26 4.03 1.83
C GLU A 7 3.79 3.81 2.22
N LYS A 8 3.40 4.28 3.41
CA LYS A 8 2.10 3.92 4.01
C LYS A 8 1.04 5.00 3.79
N ARG A 9 0.03 4.70 2.97
CA ARG A 9 -1.17 5.54 2.92
C ARG A 9 -2.36 4.66 2.53
N MET A 10 -3.48 4.84 3.19
CA MET A 10 -4.60 3.91 3.06
C MET A 10 -5.52 4.33 1.92
N SER A 11 -6.11 3.32 1.29
CA SER A 11 -7.04 3.55 0.21
C SER A 11 -8.43 3.69 0.78
N ARG A 12 -8.94 4.91 0.71
CA ARG A 12 -10.16 5.32 1.40
C ARG A 12 -11.39 4.89 0.61
N SER A 13 -11.15 4.25 -0.52
CA SER A 13 -12.21 3.81 -1.39
C SER A 13 -12.70 2.41 -1.02
N SER A 14 -12.05 1.40 -1.55
CA SER A 14 -12.51 0.01 -1.41
C SER A 14 -12.09 -0.61 -0.07
N GLY A 15 -11.21 0.07 0.66
CA GLY A 15 -10.70 -0.52 1.89
C GLY A 15 -9.49 -1.38 1.61
N ARG A 16 -8.41 -0.74 1.21
CA ARG A 16 -7.19 -1.41 0.75
C ARG A 16 -6.00 -0.66 1.31
N VAL A 17 -4.85 -1.28 1.57
CA VAL A 17 -3.74 -0.46 1.89
C VAL A 17 -2.98 -0.26 0.60
N TYR A 18 -2.85 0.97 0.14
CA TYR A 18 -2.02 1.14 -1.00
C TYR A 18 -0.68 1.38 -0.35
N TYR A 19 0.17 0.42 -0.50
CA TYR A 19 1.35 0.41 0.28
C TYR A 19 2.48 0.32 -0.72
N PHE A 20 3.31 1.32 -0.71
CA PHE A 20 4.22 1.56 -1.81
C PHE A 20 5.54 0.86 -1.59
N ASN A 21 5.84 -0.12 -2.44
CA ASN A 21 7.11 -0.82 -2.37
C ASN A 21 8.10 -0.08 -3.25
N HIS A 22 8.93 0.76 -2.65
CA HIS A 22 9.89 1.55 -3.43
C HIS A 22 11.10 0.70 -3.81
N ILE A 23 11.08 -0.57 -3.41
CA ILE A 23 12.12 -1.50 -3.79
C ILE A 23 11.92 -1.99 -5.22
N THR A 24 10.72 -2.50 -5.51
CA THR A 24 10.36 -2.90 -6.87
C THR A 24 9.74 -1.72 -7.61
N ASN A 25 9.43 -0.67 -6.86
CA ASN A 25 8.76 0.53 -7.38
C ASN A 25 7.36 0.18 -7.86
N ALA A 26 6.52 -0.23 -6.92
CA ALA A 26 5.12 -0.56 -7.22
C ALA A 26 4.24 -0.30 -6.01
N SER A 27 3.09 0.32 -6.25
CA SER A 27 2.14 0.59 -5.18
C SER A 27 1.12 -0.54 -5.08
N GLN A 28 1.08 -1.20 -3.94
CA GLN A 28 0.22 -2.36 -3.79
C GLN A 28 -1.15 -1.98 -3.22
N TRP A 29 -2.18 -2.43 -3.90
CA TRP A 29 -3.56 -2.55 -3.41
C TRP A 29 -3.76 -3.19 -2.01
N GLU A 30 -2.69 -3.71 -1.46
CA GLU A 30 -2.68 -4.87 -0.57
C GLU A 30 -2.49 -4.49 0.89
N ARG A 31 -2.83 -5.40 1.77
CA ARG A 31 -2.36 -5.28 3.15
C ARG A 31 -1.49 -6.48 3.52
N PRO A 32 -0.21 -6.23 3.86
CA PRO A 32 0.76 -7.29 4.19
C PRO A 32 0.61 -7.80 5.63
N SER A 33 -0.05 -7.03 6.47
CA SER A 33 -0.21 -7.38 7.87
C SER A 33 -1.66 -7.26 8.29
N GLY A 34 -2.30 -8.40 8.51
CA GLY A 34 -3.66 -8.42 8.99
C GLY A 34 -3.89 -9.53 9.99
N ASN A 35 -3.18 -10.63 9.81
CA ASN A 35 -3.29 -11.78 10.70
C ASN A 35 -2.12 -11.81 11.68
N SER A 36 -1.34 -10.74 11.67
CA SER A 36 -0.20 -10.62 12.58
C SER A 36 -0.10 -9.19 13.09
N ILE B 1 4.36 9.91 -7.68
CA ILE B 1 3.89 10.09 -6.29
C ILE B 1 2.85 9.02 -5.96
N PRO B 2 3.05 8.29 -4.84
CA PRO B 2 2.09 7.29 -4.39
C PRO B 2 1.00 7.84 -3.48
N GLU B 3 -0.23 7.98 -4.00
CA GLU B 3 -1.44 7.89 -3.18
C GLU B 3 -2.61 7.38 -4.02
N TPO B 4 -3.46 6.50 -3.45
CA TPO B 4 -4.82 6.33 -3.95
CB TPO B 4 -5.70 7.61 -3.81
CG2 TPO B 4 -5.58 8.57 -5.00
OG1 TPO B 4 -7.08 7.23 -3.65
P TPO B 4 -7.63 6.23 -2.48
O1P TPO B 4 -6.61 5.23 -2.16
O2P TPO B 4 -7.93 7.02 -1.28
O3P TPO B 4 -8.86 5.57 -2.93
C TPO B 4 -5.00 5.55 -5.28
O TPO B 4 -5.20 6.13 -6.34
H TPO B 4 -3.15 5.97 -2.69
HA TPO B 4 -5.25 5.66 -3.21
HB TPO B 4 -5.38 8.11 -2.92
HG21 TPO B 4 -5.88 8.08 -5.90
HG22 TPO B 4 -4.55 8.90 -5.09
HG23 TPO B 4 -6.21 9.44 -4.83
N PRO B 5 -4.81 4.20 -5.24
CA PRO B 5 -4.82 3.35 -6.45
C PRO B 5 -6.20 3.07 -7.10
N PRO B 6 -7.39 3.46 -6.51
CA PRO B 6 -8.65 2.72 -6.77
C PRO B 6 -9.01 2.64 -8.25
N PRO B 7 -9.78 1.60 -8.65
CA PRO B 7 -10.19 1.41 -10.05
C PRO B 7 -11.29 2.38 -10.47
N GLY B 8 -11.66 3.27 -9.57
CA GLY B 8 -12.70 4.24 -9.85
C GLY B 8 -12.28 5.63 -9.45
N LYS A 1 10.44 -6.25 7.47
CA LYS A 1 10.98 -6.58 6.12
C LYS A 1 10.24 -5.82 5.02
N LEU A 2 9.09 -5.25 5.35
CA LEU A 2 8.32 -4.49 4.36
C LEU A 2 8.56 -2.97 4.47
N PRO A 3 8.52 -2.37 5.69
CA PRO A 3 8.64 -0.91 5.87
C PRO A 3 9.93 -0.24 5.34
N PRO A 4 11.08 -0.95 5.16
CA PRO A 4 12.25 -0.36 4.48
C PRO A 4 11.90 0.16 3.08
N GLY A 5 10.75 -0.25 2.56
CA GLY A 5 10.31 0.21 1.26
C GLY A 5 8.88 0.72 1.27
N TRP A 6 8.36 0.98 2.46
CA TRP A 6 6.95 1.34 2.64
C TRP A 6 6.65 2.85 2.54
N GLU A 7 5.71 3.18 1.65
CA GLU A 7 5.02 4.48 1.62
C GLU A 7 3.59 4.25 2.16
N LYS A 8 3.25 4.90 3.27
CA LYS A 8 2.08 4.50 4.08
C LYS A 8 0.90 5.44 3.93
N ARG A 9 -0.14 5.01 3.21
CA ARG A 9 -1.42 5.72 3.28
C ARG A 9 -2.55 4.71 3.03
N MET A 10 -3.71 4.97 3.60
CA MET A 10 -4.80 4.02 3.49
C MET A 10 -5.60 4.37 2.25
N SER A 11 -6.22 3.37 1.64
CA SER A 11 -7.06 3.61 0.49
C SER A 11 -8.47 3.86 0.98
N ARG A 12 -8.90 5.10 0.84
CA ARG A 12 -10.08 5.60 1.54
C ARG A 12 -11.35 5.19 0.82
N SER A 13 -11.21 4.76 -0.41
CA SER A 13 -12.35 4.26 -1.16
C SER A 13 -12.62 2.80 -0.80
N SER A 14 -11.60 1.98 -0.93
CA SER A 14 -11.75 0.54 -0.77
C SER A 14 -11.54 0.06 0.68
N GLY A 15 -11.03 0.94 1.54
CA GLY A 15 -10.82 0.58 2.94
C GLY A 15 -9.75 -0.50 3.12
N ARG A 16 -8.65 -0.34 2.40
CA ARG A 16 -7.58 -1.35 2.36
C ARG A 16 -6.26 -0.64 2.10
N VAL A 17 -5.09 -1.11 2.57
CA VAL A 17 -3.98 -0.21 2.64
C VAL A 17 -3.20 -0.24 1.34
N TYR A 18 -3.02 0.94 0.76
CA TYR A 18 -2.14 1.02 -0.34
C TYR A 18 -0.81 1.32 0.32
N TYR A 19 0.04 0.34 0.30
CA TYR A 19 1.23 0.47 1.03
C TYR A 19 2.33 0.22 0.03
N PHE A 20 2.88 1.28 -0.48
CA PHE A 20 3.67 1.23 -1.68
C PHE A 20 5.13 0.98 -1.41
N ASN A 21 5.61 -0.16 -1.88
CA ASN A 21 6.99 -0.54 -1.72
C ASN A 21 7.80 -0.01 -2.89
N HIS A 22 8.61 1.01 -2.62
CA HIS A 22 9.33 1.70 -3.67
C HIS A 22 10.60 0.96 -4.06
N ILE A 23 10.85 -0.17 -3.40
CA ILE A 23 12.01 -1.00 -3.74
C ILE A 23 11.78 -1.70 -5.06
N THR A 24 10.69 -2.46 -5.13
CA THR A 24 10.29 -3.13 -6.36
C THR A 24 9.36 -2.23 -7.17
N ASN A 25 8.93 -1.14 -6.53
CA ASN A 25 8.00 -0.19 -7.12
C ASN A 25 6.65 -0.84 -7.35
N ALA A 26 5.89 -1.00 -6.27
CA ALA A 26 4.57 -1.59 -6.33
C ALA A 26 3.68 -1.02 -5.24
N SER A 27 2.53 -0.49 -5.63
CA SER A 27 1.54 -0.03 -4.68
C SER A 27 0.59 -1.17 -4.33
N GLN A 28 0.68 -1.66 -3.10
CA GLN A 28 -0.11 -2.81 -2.71
C GLN A 28 -1.47 -2.42 -2.15
N TRP A 29 -2.41 -3.31 -2.36
CA TRP A 29 -3.78 -3.28 -1.86
C TRP A 29 -3.91 -3.62 -0.37
N GLU A 30 -2.80 -4.05 0.16
CA GLU A 30 -2.68 -4.98 1.28
C GLU A 30 -2.51 -4.25 2.61
N ARG A 31 -2.75 -4.95 3.70
CA ARG A 31 -2.16 -4.52 4.96
C ARG A 31 -1.25 -5.61 5.55
N PRO A 32 0.05 -5.30 5.67
CA PRO A 32 1.07 -6.22 6.19
C PRO A 32 0.98 -6.38 7.71
N SER A 33 0.17 -5.52 8.32
CA SER A 33 0.05 -5.48 9.77
C SER A 33 -1.09 -6.36 10.26
N GLY A 34 -1.80 -6.98 9.32
CA GLY A 34 -2.91 -7.83 9.67
C GLY A 34 -3.14 -8.90 8.63
N ASN A 35 -4.20 -9.67 8.79
CA ASN A 35 -4.53 -10.74 7.86
C ASN A 35 -5.12 -10.17 6.58
N SER A 36 -4.33 -10.21 5.51
CA SER A 36 -4.77 -9.81 4.17
C SER A 36 -5.22 -8.33 4.14
N ILE B 1 2.38 11.39 -4.07
CA ILE B 1 2.83 10.79 -5.35
C ILE B 1 2.23 9.38 -5.47
N PRO B 2 2.56 8.43 -4.57
CA PRO B 2 1.81 7.20 -4.45
C PRO B 2 0.67 7.33 -3.46
N GLU B 3 -0.59 7.39 -3.93
CA GLU B 3 -1.74 7.06 -3.07
C GLU B 3 -2.90 6.51 -3.89
N TPO B 4 -3.79 5.75 -3.24
CA TPO B 4 -5.15 5.51 -3.73
CB TPO B 4 -5.98 6.81 -3.86
CG2 TPO B 4 -5.75 7.59 -5.15
OG1 TPO B 4 -7.37 6.49 -3.73
P TPO B 4 -8.14 6.43 -2.30
O1P TPO B 4 -8.88 7.69 -2.13
O2P TPO B 4 -9.10 5.31 -2.31
O3P TPO B 4 -7.17 6.25 -1.22
C TPO B 4 -5.24 4.55 -4.94
O TPO B 4 -5.46 4.95 -6.09
H TPO B 4 -3.52 5.34 -2.38
HA TPO B 4 -5.61 4.96 -2.92
HB TPO B 4 -5.69 7.44 -3.02
HG21 TPO B 4 -6.01 6.97 -5.99
HG22 TPO B 4 -4.71 7.88 -5.22
HG23 TPO B 4 -6.36 8.48 -5.15
N PRO B 5 -5.03 3.23 -4.69
CA PRO B 5 -4.97 2.20 -5.74
C PRO B 5 -6.31 1.88 -6.44
N PRO B 6 -7.54 2.21 -5.87
CA PRO B 6 -8.75 1.42 -6.12
C PRO B 6 -8.94 0.96 -7.59
N PRO B 7 -8.86 1.86 -8.59
CA PRO B 7 -8.95 1.47 -10.00
C PRO B 7 -7.66 0.80 -10.50
N GLY B 8 -6.72 1.62 -10.98
CA GLY B 8 -5.48 1.09 -11.48
C GLY B 8 -4.95 1.87 -12.66
N LYS A 1 7.49 -5.17 12.89
CA LYS A 1 8.49 -4.85 11.85
C LYS A 1 7.93 -5.14 10.47
N LEU A 2 7.85 -4.12 9.65
CA LEU A 2 7.41 -4.27 8.27
C LEU A 2 8.61 -4.05 7.33
N PRO A 3 8.52 -4.50 6.08
CA PRO A 3 9.56 -4.25 5.09
C PRO A 3 9.77 -2.75 4.86
N PRO A 4 11.02 -2.28 5.02
CA PRO A 4 11.35 -0.85 4.96
C PRO A 4 11.16 -0.23 3.58
N GLY A 5 10.74 -1.05 2.62
CA GLY A 5 10.44 -0.54 1.30
C GLY A 5 8.99 -0.10 1.20
N TRP A 6 8.35 0.04 2.35
CA TRP A 6 6.94 0.38 2.45
C TRP A 6 6.62 1.88 2.50
N GLU A 7 5.63 2.28 1.70
CA GLU A 7 4.96 3.59 1.80
C GLU A 7 3.51 3.36 2.24
N LYS A 8 3.18 3.82 3.45
CA LYS A 8 1.92 3.44 4.12
C LYS A 8 0.83 4.48 3.96
N ARG A 9 -0.17 4.21 3.11
CA ARG A 9 -1.37 5.02 3.08
C ARG A 9 -2.55 4.13 2.64
N MET A 10 -3.68 4.31 3.28
CA MET A 10 -4.78 3.36 3.11
C MET A 10 -5.66 3.78 1.95
N SER A 11 -6.19 2.80 1.23
CA SER A 11 -7.10 3.06 0.15
C SER A 11 -8.51 3.11 0.70
N ARG A 12 -9.01 4.31 0.81
CA ARG A 12 -10.19 4.61 1.59
C ARG A 12 -11.47 4.25 0.85
N SER A 13 -11.36 4.09 -0.46
CA SER A 13 -12.50 3.69 -1.25
C SER A 13 -12.77 2.19 -1.10
N SER A 14 -11.73 1.38 -1.27
CA SER A 14 -11.90 -0.07 -1.26
C SER A 14 -11.73 -0.67 0.14
N GLY A 15 -10.98 0.01 1.00
CA GLY A 15 -10.70 -0.54 2.31
C GLY A 15 -9.60 -1.59 2.26
N ARG A 16 -8.53 -1.28 1.55
CA ARG A 16 -7.41 -2.20 1.34
C ARG A 16 -6.15 -1.35 1.17
N VAL A 17 -4.94 -1.81 1.55
CA VAL A 17 -3.90 -0.83 1.74
C VAL A 17 -3.10 -0.69 0.48
N TYR A 18 -2.89 0.54 0.04
CA TYR A 18 -1.96 0.71 -1.02
C TYR A 18 -0.65 0.93 -0.29
N TYR A 19 0.22 -0.01 -0.46
CA TYR A 19 1.40 -0.04 0.32
C TYR A 19 2.52 -0.17 -0.69
N PHE A 20 3.22 0.92 -0.90
CA PHE A 20 4.02 1.08 -2.10
C PHE A 20 5.51 0.93 -1.86
N ASN A 21 6.16 0.12 -2.68
CA ASN A 21 7.59 -0.10 -2.55
C ASN A 21 8.33 0.91 -3.42
N HIS A 22 9.22 1.66 -2.79
CA HIS A 22 9.95 2.73 -3.48
C HIS A 22 11.16 2.19 -4.23
N ILE A 23 11.43 0.89 -4.11
CA ILE A 23 12.56 0.29 -4.80
C ILE A 23 12.22 0.01 -6.26
N THR A 24 11.20 -0.82 -6.49
CA THR A 24 10.77 -1.16 -7.84
C THR A 24 9.70 -0.17 -8.32
N ASN A 25 9.17 0.60 -7.36
CA ASN A 25 8.11 1.58 -7.61
C ASN A 25 6.82 0.87 -8.02
N ALA A 26 6.14 0.30 -7.03
CA ALA A 26 4.86 -0.37 -7.25
C ALA A 26 3.98 -0.26 -6.00
N SER A 27 2.73 0.13 -6.20
CA SER A 27 1.78 0.23 -5.10
C SER A 27 0.95 -1.06 -5.02
N GLN A 28 0.96 -1.69 -3.86
CA GLN A 28 0.16 -2.89 -3.67
C GLN A 28 -1.20 -2.54 -3.10
N TRP A 29 -2.21 -3.16 -3.66
CA TRP A 29 -3.61 -3.16 -3.19
C TRP A 29 -3.89 -3.70 -1.77
N GLU A 30 -2.90 -4.28 -1.15
CA GLU A 30 -3.07 -5.29 -0.10
C GLU A 30 -2.61 -4.77 1.26
N ARG A 31 -3.01 -5.44 2.32
CA ARG A 31 -2.29 -5.27 3.58
C ARG A 31 -1.56 -6.56 3.94
N PRO A 32 -0.22 -6.45 4.08
CA PRO A 32 0.67 -7.59 4.34
C PRO A 32 0.57 -8.11 5.78
N SER A 33 0.00 -7.30 6.64
CA SER A 33 -0.07 -7.61 8.05
C SER A 33 -1.50 -7.92 8.49
N GLY A 34 -1.81 -9.19 8.63
CA GLY A 34 -3.11 -9.60 9.12
C GLY A 34 -3.20 -9.46 10.63
N ASN A 35 -3.04 -8.23 11.11
CA ASN A 35 -3.01 -7.97 12.54
C ASN A 35 -3.17 -6.48 12.79
N SER A 36 -2.61 -5.67 11.89
CA SER A 36 -2.70 -4.23 11.99
C SER A 36 -2.35 -3.61 10.63
N ILE B 1 3.62 10.05 -7.66
CA ILE B 1 3.56 9.81 -6.20
C ILE B 1 2.55 8.72 -5.88
N PRO B 2 2.77 7.98 -4.80
CA PRO B 2 1.85 6.92 -4.36
C PRO B 2 0.76 7.41 -3.41
N GLU B 3 -0.49 7.52 -3.89
CA GLU B 3 -1.65 7.43 -3.00
C GLU B 3 -2.88 6.88 -3.74
N TPO B 4 -3.74 6.14 -3.02
CA TPO B 4 -5.14 5.92 -3.42
CB TPO B 4 -6.03 7.18 -3.25
CG2 TPO B 4 -5.80 8.24 -4.32
OG1 TPO B 4 -7.42 6.82 -3.24
P TPO B 4 -8.25 6.44 -1.87
O1P TPO B 4 -8.78 7.69 -1.28
O2P TPO B 4 -9.36 5.54 -2.22
O3P TPO B 4 -7.34 5.79 -0.93
C TPO B 4 -5.32 5.19 -4.78
O TPO B 4 -5.68 5.79 -5.80
H TPO B 4 -3.43 5.74 -2.18
HA TPO B 4 -5.51 5.22 -2.69
HB TPO B 4 -5.79 7.61 -2.28
HG21 TPO B 4 -6.01 7.82 -5.30
HG22 TPO B 4 -4.77 8.57 -4.29
HG23 TPO B 4 -6.45 9.08 -4.15
N PRO B 5 -5.02 3.87 -4.81
CA PRO B 5 -5.02 3.07 -6.05
C PRO B 5 -6.38 2.91 -6.76
N PRO B 6 -7.56 2.95 -6.02
CA PRO B 6 -8.77 2.20 -6.44
C PRO B 6 -9.02 2.23 -7.95
N PRO B 7 -9.48 1.10 -8.54
CA PRO B 7 -9.55 0.87 -9.99
C PRO B 7 -9.67 2.13 -10.84
N GLY B 8 -8.59 2.45 -11.55
CA GLY B 8 -8.56 3.64 -12.36
C GLY B 8 -7.24 3.76 -13.10
N LYS A 1 7.97 -6.61 12.66
CA LYS A 1 8.54 -5.53 11.84
C LYS A 1 8.03 -5.63 10.42
N LEU A 2 7.87 -4.48 9.76
CA LEU A 2 7.40 -4.45 8.38
C LEU A 2 8.53 -4.04 7.45
N PRO A 3 8.44 -4.37 6.15
CA PRO A 3 9.47 -3.99 5.18
C PRO A 3 9.64 -2.48 5.08
N PRO A 4 10.88 -1.98 5.25
CA PRO A 4 11.20 -0.55 5.17
C PRO A 4 11.07 0.01 3.76
N GLY A 5 10.72 -0.86 2.81
CA GLY A 5 10.41 -0.44 1.47
C GLY A 5 8.98 0.04 1.36
N TRP A 6 8.35 0.20 2.51
CA TRP A 6 6.95 0.59 2.61
C TRP A 6 6.70 2.11 2.65
N GLU A 7 5.84 2.55 1.72
CA GLU A 7 5.22 3.88 1.74
C GLU A 7 3.74 3.70 2.08
N LYS A 8 3.32 4.21 3.23
CA LYS A 8 2.01 3.87 3.80
C LYS A 8 0.96 4.94 3.54
N ARG A 9 -0.03 4.64 2.70
CA ARG A 9 -1.23 5.46 2.62
C ARG A 9 -2.39 4.54 2.21
N MET A 10 -3.49 4.63 2.92
CA MET A 10 -4.57 3.67 2.72
C MET A 10 -5.52 4.18 1.65
N SER A 11 -6.13 3.26 0.93
CA SER A 11 -7.00 3.62 -0.17
C SER A 11 -8.40 3.79 0.36
N ARG A 12 -8.87 5.03 0.25
CA ARG A 12 -10.10 5.47 0.87
C ARG A 12 -11.31 4.97 0.10
N SER A 13 -11.06 4.46 -1.09
CA SER A 13 -12.13 3.92 -1.93
C SER A 13 -12.69 2.63 -1.33
N SER A 14 -11.96 1.53 -1.52
CA SER A 14 -12.45 0.22 -1.14
C SER A 14 -12.06 -0.16 0.31
N GLY A 15 -11.21 0.63 0.94
CA GLY A 15 -10.74 0.28 2.27
C GLY A 15 -9.69 -0.82 2.21
N ARG A 16 -8.61 -0.51 1.52
CA ARG A 16 -7.54 -1.49 1.26
C ARG A 16 -6.25 -0.70 1.15
N VAL A 17 -5.08 -1.24 1.49
CA VAL A 17 -3.97 -0.35 1.63
C VAL A 17 -3.23 -0.30 0.32
N TYR A 18 -2.94 0.88 -0.16
CA TYR A 18 -2.00 0.94 -1.21
C TYR A 18 -0.69 1.17 -0.46
N TYR A 19 0.07 0.14 -0.37
CA TYR A 19 1.23 0.19 0.42
C TYR A 19 2.37 0.03 -0.57
N PHE A 20 3.09 1.10 -0.79
CA PHE A 20 3.90 1.21 -1.99
C PHE A 20 5.37 0.93 -1.72
N ASN A 21 5.92 -0.01 -2.45
CA ASN A 21 7.32 -0.34 -2.29
C ASN A 21 8.13 0.51 -3.23
N HIS A 22 9.00 1.32 -2.64
CA HIS A 22 9.78 2.28 -3.42
C HIS A 22 11.10 1.65 -3.89
N ILE A 23 11.19 0.33 -3.78
CA ILE A 23 12.33 -0.39 -4.32
C ILE A 23 12.11 -0.65 -5.81
N THR A 24 11.01 -1.31 -6.14
CA THR A 24 10.63 -1.50 -7.53
C THR A 24 9.74 -0.34 -7.99
N ASN A 25 9.23 0.40 -7.01
CA ASN A 25 8.31 1.52 -7.23
C ASN A 25 6.96 1.00 -7.72
N ALA A 26 6.21 0.40 -6.79
CA ALA A 26 4.90 -0.17 -7.10
C ALA A 26 3.97 -0.09 -5.91
N SER A 27 2.75 0.34 -6.14
CA SER A 27 1.76 0.47 -5.10
C SER A 27 0.90 -0.79 -5.00
N GLN A 28 0.94 -1.48 -3.87
CA GLN A 28 0.14 -2.68 -3.69
C GLN A 28 -1.23 -2.33 -3.12
N TRP A 29 -2.26 -2.71 -3.85
CA TRP A 29 -3.67 -2.81 -3.41
C TRP A 29 -3.92 -3.40 -2.00
N GLU A 30 -2.88 -3.89 -1.39
CA GLU A 30 -2.91 -4.98 -0.41
C GLU A 30 -2.72 -4.44 1.02
N ARG A 31 -3.08 -5.26 2.00
CA ARG A 31 -2.55 -5.03 3.34
C ARG A 31 -1.78 -6.25 3.81
N PRO A 32 -0.47 -6.07 4.05
CA PRO A 32 0.44 -7.16 4.44
C PRO A 32 0.18 -7.64 5.87
N SER A 33 -0.57 -6.86 6.63
CA SER A 33 -0.85 -7.18 8.01
C SER A 33 -2.22 -7.83 8.15
N GLY A 34 -2.23 -9.11 8.45
CA GLY A 34 -3.47 -9.82 8.70
C GLY A 34 -3.59 -10.25 10.14
N ASN A 35 -2.52 -10.03 10.90
CA ASN A 35 -2.46 -10.42 12.30
C ASN A 35 -1.31 -9.70 12.99
N SER A 36 -1.07 -10.03 14.25
CA SER A 36 0.05 -9.49 15.00
C SER A 36 0.99 -10.61 15.43
N ILE B 1 5.54 9.92 -6.42
CA ILE B 1 4.34 10.32 -5.64
C ILE B 1 3.28 9.22 -5.68
N PRO B 2 3.28 8.34 -4.69
CA PRO B 2 2.26 7.30 -4.54
C PRO B 2 1.06 7.76 -3.71
N GLU B 3 -0.16 7.77 -4.29
CA GLU B 3 -1.39 7.66 -3.47
C GLU B 3 -2.53 7.01 -4.27
N TPO B 4 -3.45 6.31 -3.56
CA TPO B 4 -4.84 6.12 -4.05
CB TPO B 4 -5.71 7.39 -3.97
CG2 TPO B 4 -5.38 8.43 -5.04
OG1 TPO B 4 -7.10 7.02 -4.06
P TPO B 4 -8.03 6.60 -2.79
O1P TPO B 4 -9.21 7.47 -2.77
O2P TPO B 4 -8.46 5.19 -2.93
O3P TPO B 4 -7.27 6.75 -1.55
C TPO B 4 -5.00 5.33 -5.36
O TPO B 4 -5.25 5.90 -6.43
H TPO B 4 -3.20 5.95 -2.70
HA TPO B 4 -5.26 5.45 -3.30
HB TPO B 4 -5.53 7.84 -3.00
HG21 TPO B 4 -4.35 8.74 -4.93
HG22 TPO B 4 -6.03 9.28 -4.93
HG23 TPO B 4 -5.51 7.99 -6.02
N PRO B 5 -4.78 3.98 -5.33
CA PRO B 5 -4.78 3.11 -6.53
C PRO B 5 -6.14 2.89 -7.24
N PRO B 6 -7.35 3.20 -6.64
CA PRO B 6 -8.61 2.48 -6.93
C PRO B 6 -8.86 2.26 -8.44
N PRO B 7 -9.50 1.13 -8.80
CA PRO B 7 -9.60 0.66 -10.20
C PRO B 7 -10.55 1.48 -11.08
N GLY B 8 -10.91 2.68 -10.65
CA GLY B 8 -11.76 3.53 -11.46
C GLY B 8 -12.78 4.28 -10.64
N LYS A 1 7.74 -6.72 12.41
CA LYS A 1 8.56 -5.98 11.43
C LYS A 1 7.94 -6.04 10.04
N LEU A 2 7.66 -4.87 9.48
CA LEU A 2 7.19 -4.77 8.11
C LEU A 2 8.36 -4.43 7.20
N PRO A 3 8.23 -4.64 5.88
CA PRO A 3 9.29 -4.31 4.93
C PRO A 3 9.63 -2.81 4.94
N PRO A 4 10.92 -2.50 5.12
CA PRO A 4 11.43 -1.11 5.24
C PRO A 4 11.39 -0.33 3.92
N GLY A 5 10.65 -0.84 2.96
CA GLY A 5 10.48 -0.13 1.71
C GLY A 5 9.05 0.34 1.53
N TRP A 6 8.36 0.47 2.65
CA TRP A 6 6.93 0.76 2.67
C TRP A 6 6.57 2.25 2.70
N GLU A 7 5.66 2.64 1.79
CA GLU A 7 4.94 3.92 1.85
C GLU A 7 3.49 3.62 2.25
N LYS A 8 3.11 4.03 3.46
CA LYS A 8 1.84 3.63 4.07
C LYS A 8 0.74 4.66 3.84
N ARG A 9 -0.20 4.36 2.95
CA ARG A 9 -1.40 5.17 2.82
C ARG A 9 -2.53 4.26 2.35
N MET A 10 -3.71 4.42 2.90
CA MET A 10 -4.78 3.47 2.67
C MET A 10 -5.61 3.86 1.47
N SER A 11 -6.16 2.86 0.80
CA SER A 11 -7.03 3.11 -0.33
C SER A 11 -8.45 3.23 0.19
N ARG A 12 -8.91 4.47 0.23
CA ARG A 12 -10.13 4.85 0.92
C ARG A 12 -11.36 4.41 0.14
N SER A 13 -11.19 4.15 -1.14
CA SER A 13 -12.29 3.70 -1.97
C SER A 13 -12.56 2.21 -1.76
N SER A 14 -11.52 1.40 -1.92
CA SER A 14 -11.68 -0.04 -1.90
C SER A 14 -11.54 -0.65 -0.49
N GLY A 15 -10.84 0.06 0.40
CA GLY A 15 -10.57 -0.50 1.72
C GLY A 15 -9.45 -1.52 1.65
N ARG A 16 -8.32 -1.09 1.12
CA ARG A 16 -7.15 -1.96 0.88
C ARG A 16 -5.89 -1.12 1.01
N VAL A 17 -4.73 -1.65 1.42
CA VAL A 17 -3.64 -0.75 1.65
C VAL A 17 -2.84 -0.62 0.37
N TYR A 18 -2.73 0.59 -0.11
CA TYR A 18 -1.85 0.79 -1.20
C TYR A 18 -0.54 1.09 -0.50
N TYR A 19 0.39 0.21 -0.67
CA TYR A 19 1.52 0.23 0.18
C TYR A 19 2.71 0.16 -0.77
N PHE A 20 3.42 1.26 -0.86
CA PHE A 20 4.26 1.53 -2.00
C PHE A 20 5.74 1.33 -1.70
N ASN A 21 6.34 0.36 -2.36
CA ASN A 21 7.75 0.08 -2.17
C ASN A 21 8.60 0.84 -3.17
N HIS A 22 9.38 1.78 -2.66
CA HIS A 22 10.17 2.68 -3.50
C HIS A 22 11.39 1.99 -4.08
N ILE A 23 11.57 0.71 -3.77
CA ILE A 23 12.70 -0.05 -4.30
C ILE A 23 12.49 -0.33 -5.79
N THR A 24 11.41 -1.05 -6.09
CA THR A 24 11.06 -1.34 -7.46
C THR A 24 10.15 -0.25 -8.01
N ASN A 25 9.69 0.62 -7.10
CA ASN A 25 8.68 1.64 -7.41
C ASN A 25 7.39 0.96 -7.83
N ALA A 26 6.61 0.54 -6.83
CA ALA A 26 5.38 -0.17 -7.07
C ALA A 26 4.38 0.11 -5.96
N SER A 27 3.11 0.06 -6.30
CA SER A 27 2.04 0.29 -5.33
C SER A 27 1.16 -0.95 -5.23
N GLN A 28 1.11 -1.55 -4.04
CA GLN A 28 0.31 -2.74 -3.83
C GLN A 28 -1.08 -2.36 -3.32
N TRP A 29 -2.05 -3.19 -3.67
CA TRP A 29 -3.45 -3.11 -3.20
C TRP A 29 -3.60 -3.64 -1.77
N GLU A 30 -2.54 -4.21 -1.28
CA GLU A 30 -2.50 -5.30 -0.31
C GLU A 30 -2.33 -4.78 1.12
N ARG A 31 -2.64 -5.60 2.10
CA ARG A 31 -2.12 -5.36 3.44
C ARG A 31 -1.28 -6.54 3.90
N PRO A 32 0.02 -6.30 4.14
CA PRO A 32 0.99 -7.35 4.49
C PRO A 32 0.87 -7.83 5.95
N SER A 33 0.10 -7.11 6.74
CA SER A 33 -0.04 -7.42 8.16
C SER A 33 -1.51 -7.64 8.53
N GLY A 34 -1.85 -8.87 8.86
CA GLY A 34 -3.21 -9.18 9.26
C GLY A 34 -3.25 -9.80 10.64
N ASN A 35 -2.74 -9.06 11.62
CA ASN A 35 -2.65 -9.57 12.98
C ASN A 35 -2.81 -8.42 13.98
N SER A 36 -3.35 -7.30 13.49
CA SER A 36 -3.51 -6.11 14.32
C SER A 36 -4.99 -5.89 14.61
N ILE B 1 3.64 10.13 -7.97
CA ILE B 1 3.46 10.03 -6.50
C ILE B 1 2.52 8.88 -6.15
N PRO B 2 2.77 8.21 -5.03
CA PRO B 2 1.87 7.17 -4.54
C PRO B 2 0.78 7.68 -3.62
N GLU B 3 -0.47 7.71 -4.10
CA GLU B 3 -1.63 7.56 -3.23
C GLU B 3 -2.81 6.93 -4.00
N TPO B 4 -3.67 6.18 -3.30
CA TPO B 4 -5.05 5.93 -3.76
CB TPO B 4 -5.96 7.18 -3.65
CG2 TPO B 4 -5.65 8.26 -4.69
OG1 TPO B 4 -7.34 6.78 -3.78
P TPO B 4 -8.35 6.60 -2.50
O1P TPO B 4 -9.20 7.78 -2.43
O2P TPO B 4 -9.17 5.40 -2.70
O3P TPO B 4 -7.56 6.46 -1.28
C TPO B 4 -5.19 5.16 -5.10
O TPO B 4 -5.50 5.75 -6.14
H TPO B 4 -3.38 5.78 -2.45
HA TPO B 4 -5.43 5.24 -3.02
HB TPO B 4 -5.82 7.58 -2.67
HG21 TPO B 4 -4.64 8.59 -4.56
HG22 TPO B 4 -6.33 9.08 -4.54
HG23 TPO B 4 -5.79 7.85 -5.68
N PRO B 5 -4.89 3.84 -5.10
CA PRO B 5 -4.86 3.02 -6.33
C PRO B 5 -6.22 2.86 -7.08
N PRO B 6 -7.43 2.99 -6.41
CA PRO B 6 -8.66 2.32 -6.86
C PRO B 6 -8.96 2.43 -8.36
N PRO B 7 -9.58 1.41 -8.96
CA PRO B 7 -9.93 1.42 -10.39
C PRO B 7 -11.13 2.33 -10.69
N GLY B 8 -11.57 3.10 -9.70
CA GLY B 8 -12.68 3.99 -9.89
C GLY B 8 -12.42 5.36 -9.30
N LYS A 1 10.40 -4.53 11.80
CA LYS A 1 9.09 -5.20 11.89
C LYS A 1 8.37 -5.15 10.56
N LEU A 2 8.64 -4.11 9.77
CA LEU A 2 8.06 -3.96 8.45
C LEU A 2 9.16 -3.72 7.42
N PRO A 3 8.87 -3.99 6.14
CA PRO A 3 9.81 -3.70 5.04
C PRO A 3 10.17 -2.22 4.96
N PRO A 4 11.48 -1.91 4.92
CA PRO A 4 11.96 -0.52 4.87
C PRO A 4 11.65 0.18 3.55
N GLY A 5 11.14 -0.59 2.60
CA GLY A 5 10.77 -0.03 1.32
C GLY A 5 9.34 0.47 1.31
N TRP A 6 8.83 0.78 2.48
CA TRP A 6 7.45 1.15 2.67
C TRP A 6 7.15 2.66 2.52
N GLU A 7 6.26 2.97 1.58
CA GLU A 7 5.60 4.28 1.44
C GLU A 7 4.14 4.12 1.87
N LYS A 8 3.78 4.74 3.00
CA LYS A 8 2.50 4.42 3.65
C LYS A 8 1.43 5.46 3.36
N ARG A 9 0.39 5.05 2.63
CA ARG A 9 -0.80 5.89 2.48
C ARG A 9 -2.00 4.95 2.29
N MET A 10 -3.07 5.21 3.01
CA MET A 10 -4.17 4.26 3.04
C MET A 10 -5.15 4.55 1.93
N SER A 11 -5.76 3.51 1.39
CA SER A 11 -6.71 3.68 0.31
C SER A 11 -8.07 3.89 0.92
N ARG A 12 -8.52 5.13 0.80
CA ARG A 12 -9.73 5.61 1.45
C ARG A 12 -10.97 4.93 0.86
N SER A 13 -10.76 4.33 -0.30
CA SER A 13 -11.82 3.68 -1.04
C SER A 13 -12.35 2.43 -0.32
N SER A 14 -11.66 1.32 -0.53
CA SER A 14 -12.13 0.03 -0.03
C SER A 14 -11.71 -0.22 1.41
N GLY A 15 -10.84 0.62 1.94
CA GLY A 15 -10.32 0.40 3.29
C GLY A 15 -9.21 -0.63 3.29
N ARG A 16 -8.15 -0.31 2.56
CA ARG A 16 -7.04 -1.24 2.34
C ARG A 16 -5.78 -0.41 2.14
N VAL A 17 -4.58 -0.90 2.50
CA VAL A 17 -3.48 0.02 2.48
C VAL A 17 -2.81 -0.09 1.14
N TYR A 18 -2.64 1.01 0.46
CA TYR A 18 -1.80 0.95 -0.68
C TYR A 18 -0.44 1.28 -0.10
N TYR A 19 0.37 0.28 -0.02
CA TYR A 19 1.59 0.41 0.68
C TYR A 19 2.66 0.17 -0.36
N PHE A 20 3.25 1.25 -0.79
CA PHE A 20 4.04 1.25 -2.00
C PHE A 20 5.52 1.09 -1.73
N ASN A 21 6.12 0.11 -2.37
CA ASN A 21 7.53 -0.14 -2.16
C ASN A 21 8.36 0.67 -3.13
N HIS A 22 9.02 1.69 -2.60
CA HIS A 22 9.78 2.63 -3.41
C HIS A 22 11.02 1.99 -4.03
N ILE A 23 11.23 0.71 -3.74
CA ILE A 23 12.32 -0.03 -4.35
C ILE A 23 11.94 -0.50 -5.75
N THR A 24 10.85 -1.25 -5.85
CA THR A 24 10.34 -1.70 -7.14
C THR A 24 9.35 -0.69 -7.73
N ASN A 25 8.89 0.23 -6.88
CA ASN A 25 7.95 1.29 -7.26
C ASN A 25 6.56 0.72 -7.54
N ALA A 26 6.17 -0.27 -6.73
CA ALA A 26 4.86 -0.91 -6.89
C ALA A 26 3.99 -0.64 -5.67
N SER A 27 2.70 -0.40 -5.91
CA SER A 27 1.76 -0.11 -4.83
C SER A 27 0.97 -1.36 -4.45
N GLN A 28 1.10 -1.82 -3.22
CA GLN A 28 0.36 -2.98 -2.78
C GLN A 28 -0.99 -2.56 -2.19
N TRP A 29 -2.06 -3.03 -2.81
CA TRP A 29 -3.43 -3.04 -2.28
C TRP A 29 -3.62 -3.42 -0.78
N GLU A 30 -2.54 -3.85 -0.17
CA GLU A 30 -2.51 -4.81 0.95
C GLU A 30 -2.23 -4.13 2.29
N ARG A 31 -2.52 -4.82 3.37
CA ARG A 31 -1.91 -4.48 4.65
C ARG A 31 -1.11 -5.66 5.18
N PRO A 32 0.22 -5.47 5.32
CA PRO A 32 1.16 -6.53 5.69
C PRO A 32 1.03 -6.98 7.15
N SER A 33 0.24 -6.24 7.91
CA SER A 33 0.02 -6.55 9.32
C SER A 33 -1.13 -7.55 9.47
N GLY A 34 -1.74 -7.91 8.35
CA GLY A 34 -2.86 -8.84 8.38
C GLY A 34 -3.91 -8.48 7.36
N ASN A 35 -4.11 -9.37 6.40
CA ASN A 35 -5.11 -9.16 5.37
C ASN A 35 -6.27 -10.13 5.57
N SER A 36 -6.13 -10.99 6.58
CA SER A 36 -7.17 -11.95 6.90
C SER A 36 -8.27 -11.32 7.74
N ILE B 1 4.49 9.56 -8.35
CA ILE B 1 3.98 9.76 -6.97
C ILE B 1 2.93 8.70 -6.65
N PRO B 2 3.10 7.98 -5.53
CA PRO B 2 2.15 6.95 -5.11
C PRO B 2 1.04 7.50 -4.22
N GLU B 3 -0.21 7.46 -4.69
CA GLU B 3 -1.37 7.40 -3.79
C GLU B 3 -2.54 6.66 -4.45
N TPO B 4 -3.40 5.99 -3.66
CA TPO B 4 -4.79 5.73 -4.08
CB TPO B 4 -5.68 7.00 -4.14
CG2 TPO B 4 -5.38 7.90 -5.33
OG1 TPO B 4 -7.06 6.62 -4.15
P TPO B 4 -7.95 6.37 -2.80
O1P TPO B 4 -8.20 4.93 -2.64
O2P TPO B 4 -9.22 7.09 -2.95
O3P TPO B 4 -7.23 6.88 -1.63
C TPO B 4 -5.00 4.77 -5.27
O TPO B 4 -5.27 5.20 -6.40
H TPO B 4 -3.10 5.67 -2.79
HA TPO B 4 -5.19 5.17 -3.23
HB TPO B 4 -5.48 7.56 -3.23
HG21 TPO B 4 -6.03 8.76 -5.30
HG22 TPO B 4 -5.55 7.35 -6.25
HG23 TPO B 4 -4.35 8.22 -5.29
N PRO B 5 -4.77 3.44 -5.05
CA PRO B 5 -4.74 2.42 -6.15
C PRO B 5 -6.11 2.05 -6.81
N PRO B 6 -7.31 2.45 -6.30
CA PRO B 6 -8.52 1.64 -6.47
C PRO B 6 -8.84 1.35 -7.94
N PRO B 7 -9.50 0.22 -8.24
CA PRO B 7 -9.85 -0.14 -9.62
C PRO B 7 -11.10 0.60 -10.12
N GLY B 8 -11.63 1.47 -9.28
CA GLY B 8 -12.81 2.22 -9.62
C GLY B 8 -12.98 3.44 -8.75
N LYS A 1 9.57 -4.22 11.76
CA LYS A 1 9.66 -5.53 11.07
C LYS A 1 9.09 -5.43 9.66
N LEU A 2 8.39 -4.33 9.36
CA LEU A 2 7.82 -4.13 8.03
C LEU A 2 8.92 -3.65 7.06
N PRO A 3 8.75 -3.89 5.75
CA PRO A 3 9.73 -3.46 4.75
C PRO A 3 9.96 -1.95 4.74
N PRO A 4 11.24 -1.54 4.83
CA PRO A 4 11.63 -0.12 4.83
C PRO A 4 11.50 0.54 3.47
N GLY A 5 10.92 -0.18 2.52
CA GLY A 5 10.64 0.39 1.21
C GLY A 5 9.21 0.84 1.10
N TRP A 6 8.57 0.99 2.25
CA TRP A 6 7.15 1.28 2.36
C TRP A 6 6.78 2.78 2.37
N GLU A 7 5.89 3.16 1.44
CA GLU A 7 5.15 4.44 1.48
C GLU A 7 3.67 4.11 1.78
N LYS A 8 3.07 4.76 2.76
CA LYS A 8 1.77 4.30 3.28
C LYS A 8 0.65 5.33 3.22
N ARG A 9 -0.46 4.91 2.65
CA ARG A 9 -1.79 5.45 2.98
C ARG A 9 -2.76 4.28 2.85
N MET A 10 -3.83 4.29 3.59
CA MET A 10 -4.82 3.25 3.43
C MET A 10 -5.81 3.73 2.39
N SER A 11 -6.35 2.82 1.60
CA SER A 11 -7.19 3.22 0.48
C SER A 11 -8.61 3.33 0.97
N ARG A 12 -9.05 4.57 1.01
CA ARG A 12 -10.24 4.97 1.73
C ARG A 12 -11.50 4.51 1.01
N SER A 13 -11.35 4.13 -0.24
CA SER A 13 -12.48 3.64 -1.02
C SER A 13 -12.86 2.22 -0.61
N SER A 14 -11.99 1.26 -0.92
CA SER A 14 -12.30 -0.15 -0.70
C SER A 14 -11.88 -0.66 0.69
N GLY A 15 -11.10 0.14 1.42
CA GLY A 15 -10.61 -0.29 2.72
C GLY A 15 -9.52 -1.35 2.59
N ARG A 16 -8.45 -1.00 1.89
CA ARG A 16 -7.34 -1.91 1.60
C ARG A 16 -6.06 -1.07 1.49
N VAL A 17 -4.85 -1.57 1.82
CA VAL A 17 -3.78 -0.63 1.97
C VAL A 17 -3.05 -0.52 0.65
N TYR A 18 -2.89 0.68 0.14
CA TYR A 18 -1.98 0.82 -0.92
C TYR A 18 -0.69 1.10 -0.21
N TYR A 19 0.24 0.22 -0.36
CA TYR A 19 1.43 0.36 0.39
C TYR A 19 2.54 0.21 -0.63
N PHE A 20 3.23 1.28 -0.89
CA PHE A 20 4.07 1.37 -2.07
C PHE A 20 5.53 1.15 -1.76
N ASN A 21 6.05 0.04 -2.28
CA ASN A 21 7.44 -0.31 -2.07
C ASN A 21 8.27 0.28 -3.19
N HIS A 22 9.14 1.23 -2.86
CA HIS A 22 9.87 1.98 -3.86
C HIS A 22 11.01 1.18 -4.48
N ILE A 23 11.24 -0.05 -4.01
CA ILE A 23 12.26 -0.89 -4.64
C ILE A 23 11.67 -1.59 -5.87
N THR A 24 10.40 -1.97 -5.78
CA THR A 24 9.68 -2.51 -6.91
C THR A 24 8.99 -1.39 -7.69
N ASN A 25 8.87 -0.23 -7.04
CA ASN A 25 8.26 0.97 -7.63
C ASN A 25 6.78 0.72 -7.91
N ALA A 26 6.16 -0.13 -7.09
CA ALA A 26 4.78 -0.50 -7.28
C ALA A 26 3.96 -0.29 -6.01
N SER A 27 2.75 0.23 -6.18
CA SER A 27 1.84 0.44 -5.06
C SER A 27 0.97 -0.80 -4.86
N GLN A 28 1.10 -1.47 -3.73
CA GLN A 28 0.35 -2.68 -3.50
C GLN A 28 -1.00 -2.38 -2.85
N TRP A 29 -2.04 -2.80 -3.55
CA TRP A 29 -3.44 -2.95 -3.06
C TRP A 29 -3.61 -3.58 -1.65
N GLU A 30 -2.52 -4.05 -1.12
CA GLU A 30 -2.41 -5.14 -0.16
C GLU A 30 -2.22 -4.64 1.27
N ARG A 31 -2.47 -5.51 2.23
CA ARG A 31 -1.89 -5.30 3.56
C ARG A 31 -0.97 -6.46 3.92
N PRO A 32 0.33 -6.17 4.16
CA PRO A 32 1.35 -7.19 4.42
C PRO A 32 1.29 -7.74 5.85
N SER A 33 0.54 -7.06 6.70
CA SER A 33 0.53 -7.36 8.12
C SER A 33 -0.63 -8.27 8.51
N GLY A 34 -1.62 -8.37 7.63
CA GLY A 34 -2.81 -9.12 7.97
C GLY A 34 -3.55 -8.53 9.15
N ASN A 35 -3.52 -9.23 10.28
CA ASN A 35 -4.14 -8.79 11.53
C ASN A 35 -5.65 -8.71 11.40
N SER A 36 -6.16 -7.57 10.94
CA SER A 36 -7.59 -7.36 10.82
C SER A 36 -7.86 -6.21 9.86
N ILE B 1 3.23 10.79 -7.31
CA ILE B 1 3.17 10.55 -5.85
C ILE B 1 2.29 9.32 -5.58
N PRO B 2 2.66 8.46 -4.63
CA PRO B 2 1.87 7.28 -4.31
C PRO B 2 0.81 7.53 -3.25
N GLU B 3 -0.45 7.72 -3.66
CA GLU B 3 -1.61 7.52 -2.77
C GLU B 3 -2.86 7.09 -3.55
N TPO B 4 -3.69 6.21 -2.95
CA TPO B 4 -5.09 5.97 -3.40
CB TPO B 4 -6.03 7.20 -3.25
CG2 TPO B 4 -5.82 8.28 -4.32
OG1 TPO B 4 -7.41 6.76 -3.29
P TPO B 4 -8.33 6.46 -1.97
O1P TPO B 4 -9.25 7.59 -1.80
O2P TPO B 4 -9.10 5.23 -2.18
O3P TPO B 4 -7.47 6.33 -0.79
C TPO B 4 -5.25 5.21 -4.74
O TPO B 4 -5.57 5.80 -5.78
H TPO B 4 -3.36 5.71 -2.17
HA TPO B 4 -5.46 5.27 -2.66
HB TPO B 4 -5.84 7.64 -2.28
HG21 TPO B 4 -6.50 9.09 -4.14
HG22 TPO B 4 -6.01 7.85 -5.29
HG23 TPO B 4 -4.81 8.63 -4.28
N PRO B 5 -4.98 3.88 -4.75
CA PRO B 5 -4.92 3.06 -5.98
C PRO B 5 -6.26 2.81 -6.72
N PRO B 6 -7.48 2.97 -6.08
CA PRO B 6 -8.67 2.18 -6.47
C PRO B 6 -8.93 1.98 -7.98
N PRO B 7 -8.76 3.03 -8.84
CA PRO B 7 -8.94 2.89 -10.31
C PRO B 7 -8.11 1.77 -10.96
N GLY B 8 -7.15 1.21 -10.23
CA GLY B 8 -6.44 0.06 -10.72
C GLY B 8 -5.02 -0.02 -10.22
N LYS A 1 9.64 -5.12 12.70
CA LYS A 1 9.91 -4.14 11.62
C LYS A 1 9.16 -4.52 10.35
N LEU A 2 8.41 -3.57 9.80
CA LEU A 2 7.82 -3.74 8.48
C LEU A 2 8.91 -3.54 7.43
N PRO A 3 8.74 -4.07 6.21
CA PRO A 3 9.74 -3.92 5.16
C PRO A 3 10.00 -2.46 4.83
N PRO A 4 11.27 -2.03 4.89
CA PRO A 4 11.68 -0.63 4.72
C PRO A 4 11.50 -0.12 3.30
N GLY A 5 10.92 -0.96 2.45
CA GLY A 5 10.59 -0.54 1.10
C GLY A 5 9.17 -0.04 1.01
N TRP A 6 8.57 0.19 2.17
CA TRP A 6 7.16 0.57 2.27
C TRP A 6 6.92 2.09 2.23
N GLU A 7 5.81 2.46 1.59
CA GLU A 7 5.25 3.82 1.61
C GLU A 7 3.82 3.70 2.14
N LYS A 8 3.57 4.27 3.32
CA LYS A 8 2.34 3.99 4.06
C LYS A 8 1.25 5.03 3.82
N ARG A 9 0.25 4.68 3.02
CA ARG A 9 -0.96 5.49 2.94
C ARG A 9 -2.13 4.56 2.60
N MET A 10 -3.22 4.68 3.34
CA MET A 10 -4.30 3.73 3.20
C MET A 10 -5.30 4.19 2.15
N SER A 11 -5.92 3.21 1.49
CA SER A 11 -6.85 3.48 0.42
C SER A 11 -8.24 3.63 1.00
N ARG A 12 -8.75 4.84 0.92
CA ARG A 12 -9.95 5.24 1.63
C ARG A 12 -11.21 4.79 0.90
N SER A 13 -11.04 4.32 -0.33
CA SER A 13 -12.17 3.80 -1.09
C SER A 13 -12.47 2.34 -0.73
N SER A 14 -11.48 1.48 -0.93
CA SER A 14 -11.69 0.04 -0.77
C SER A 14 -11.42 -0.45 0.66
N GLY A 15 -10.73 0.34 1.46
CA GLY A 15 -10.30 -0.16 2.76
C GLY A 15 -9.15 -1.15 2.60
N ARG A 16 -8.10 -0.70 1.93
CA ARG A 16 -6.99 -1.55 1.52
C ARG A 16 -5.70 -0.78 1.72
N VAL A 17 -4.55 -1.39 2.00
CA VAL A 17 -3.40 -0.56 2.19
C VAL A 17 -2.67 -0.45 0.89
N TYR A 18 -2.56 0.77 0.38
CA TYR A 18 -1.74 0.92 -0.76
C TYR A 18 -0.39 1.21 -0.14
N TYR A 19 0.43 0.21 -0.20
CA TYR A 19 1.63 0.24 0.57
C TYR A 19 2.72 0.09 -0.48
N PHE A 20 3.33 1.20 -0.79
CA PHE A 20 4.04 1.35 -2.05
C PHE A 20 5.53 1.12 -1.90
N ASN A 21 6.08 0.22 -2.70
CA ASN A 21 7.48 -0.09 -2.59
C ASN A 21 8.28 0.83 -3.50
N HIS A 22 9.05 1.69 -2.86
CA HIS A 22 9.83 2.70 -3.57
C HIS A 22 11.16 2.13 -4.09
N ILE A 23 11.29 0.81 -4.02
CA ILE A 23 12.47 0.14 -4.56
C ILE A 23 12.36 -0.01 -6.07
N THR A 24 11.46 -0.87 -6.53
CA THR A 24 11.20 -1.03 -7.95
C THR A 24 10.07 -0.08 -8.39
N ASN A 25 9.42 0.53 -7.39
CA ASN A 25 8.29 1.43 -7.59
C ASN A 25 7.05 0.68 -8.05
N ALA A 26 6.28 0.21 -7.08
CA ALA A 26 5.01 -0.45 -7.33
C ALA A 26 4.06 -0.20 -6.16
N SER A 27 2.79 -0.08 -6.45
CA SER A 27 1.80 0.21 -5.42
C SER A 27 0.98 -1.04 -5.11
N GLN A 28 1.03 -1.47 -3.86
CA GLN A 28 0.25 -2.63 -3.44
C GLN A 28 -1.13 -2.20 -2.95
N TRP A 29 -2.09 -3.08 -3.13
CA TRP A 29 -3.48 -2.91 -2.68
C TRP A 29 -3.70 -3.45 -1.26
N GLU A 30 -2.68 -4.08 -0.75
CA GLU A 30 -2.76 -5.16 0.23
C GLU A 30 -2.43 -4.65 1.63
N ARG A 31 -2.81 -5.40 2.63
CA ARG A 31 -2.24 -5.18 3.96
C ARG A 31 -1.45 -6.42 4.40
N PRO A 32 -0.13 -6.24 4.58
CA PRO A 32 0.80 -7.33 4.90
C PRO A 32 0.67 -7.85 6.33
N SER A 33 0.17 -7.00 7.22
CA SER A 33 0.08 -7.34 8.63
C SER A 33 -1.32 -7.04 9.15
N GLY A 34 -2.04 -8.09 9.53
CA GLY A 34 -3.38 -7.93 10.04
C GLY A 34 -3.85 -9.16 10.78
N ASN A 35 -5.06 -9.07 11.34
CA ASN A 35 -5.64 -10.19 12.09
C ASN A 35 -6.39 -11.13 11.15
N SER A 36 -6.62 -10.66 9.93
CA SER A 36 -7.27 -11.45 8.90
C SER A 36 -6.92 -10.90 7.53
N ILE B 1 4.02 9.34 -8.14
CA ILE B 1 3.53 9.67 -6.78
C ILE B 1 2.52 8.62 -6.30
N PRO B 2 2.79 7.99 -5.15
CA PRO B 2 1.86 7.05 -4.54
C PRO B 2 0.85 7.70 -3.59
N GLU B 3 -0.41 7.80 -4.01
CA GLU B 3 -1.54 7.81 -3.07
C GLU B 3 -2.80 7.22 -3.73
N TPO B 4 -3.63 6.48 -2.96
CA TPO B 4 -5.03 6.21 -3.34
CB TPO B 4 -5.97 7.43 -3.20
CG2 TPO B 4 -5.65 8.55 -4.19
OG1 TPO B 4 -7.35 7.03 -3.35
P TPO B 4 -8.35 6.69 -2.12
O1P TPO B 4 -9.21 7.84 -1.88
O2P TPO B 4 -9.16 5.52 -2.47
O3P TPO B 4 -7.56 6.38 -0.92
C TPO B 4 -5.24 5.40 -4.64
O TPO B 4 -5.59 5.96 -5.68
H TPO B 4 -3.30 6.13 -2.11
HA TPO B 4 -5.37 5.53 -2.56
HB TPO B 4 -5.83 7.82 -2.20
HG21 TPO B 4 -4.64 8.89 -4.05
HG22 TPO B 4 -6.33 9.37 -4.04
HG23 TPO B 4 -5.77 8.18 -5.21
N PRO B 5 -4.94 4.08 -4.62
CA PRO B 5 -4.82 3.24 -5.82
C PRO B 5 -6.10 3.03 -6.68
N PRO B 6 -7.37 3.16 -6.12
CA PRO B 6 -8.54 2.43 -6.63
C PRO B 6 -8.62 2.31 -8.16
N PRO B 7 -8.97 1.11 -8.67
CA PRO B 7 -8.93 0.80 -10.10
C PRO B 7 -10.08 1.43 -10.88
N GLY B 8 -9.76 2.00 -12.03
CA GLY B 8 -10.77 2.57 -12.88
C GLY B 8 -10.36 3.92 -13.41
N LYS A 1 6.16 -4.81 12.75
CA LYS A 1 7.28 -4.95 11.80
C LYS A 1 6.79 -4.83 10.36
N LEU A 2 7.30 -3.84 9.66
CA LEU A 2 6.92 -3.57 8.28
C LEU A 2 8.15 -3.61 7.37
N PRO A 3 8.01 -4.08 6.13
CA PRO A 3 9.10 -4.04 5.14
C PRO A 3 9.57 -2.60 4.89
N PRO A 4 10.88 -2.37 4.98
CA PRO A 4 11.49 -1.04 4.86
C PRO A 4 11.41 -0.43 3.46
N GLY A 5 10.67 -1.07 2.57
CA GLY A 5 10.48 -0.55 1.25
C GLY A 5 9.15 0.14 1.10
N TRP A 6 8.54 0.43 2.23
CA TRP A 6 7.15 0.88 2.28
C TRP A 6 6.95 2.40 2.18
N GLU A 7 5.81 2.76 1.59
CA GLU A 7 5.27 4.12 1.53
C GLU A 7 3.78 4.04 1.91
N LYS A 8 3.44 4.55 3.09
CA LYS A 8 2.15 4.27 3.72
C LYS A 8 1.10 5.34 3.42
N ARG A 9 0.11 5.00 2.60
CA ARG A 9 -1.07 5.85 2.46
C ARG A 9 -2.24 4.91 2.12
N MET A 10 -3.33 5.02 2.84
CA MET A 10 -4.37 4.00 2.71
C MET A 10 -5.35 4.40 1.62
N SER A 11 -5.92 3.40 0.97
CA SER A 11 -6.87 3.66 -0.08
C SER A 11 -8.24 3.72 0.54
N ARG A 12 -8.80 4.91 0.44
CA ARG A 12 -9.97 5.31 1.20
C ARG A 12 -11.25 4.79 0.56
N SER A 13 -11.10 4.10 -0.56
CA SER A 13 -12.23 3.54 -1.28
C SER A 13 -12.66 2.21 -0.67
N SER A 14 -11.82 1.19 -0.84
CA SER A 14 -12.18 -0.17 -0.44
C SER A 14 -11.75 -0.48 0.99
N GLY A 15 -10.99 0.41 1.60
CA GLY A 15 -10.47 0.15 2.93
C GLY A 15 -9.30 -0.82 2.87
N ARG A 16 -8.43 -0.57 1.92
CA ARG A 16 -7.32 -1.47 1.62
C ARG A 16 -6.09 -0.58 1.38
N VAL A 17 -4.87 -1.00 1.73
CA VAL A 17 -3.83 -0.01 1.80
C VAL A 17 -3.08 0.01 0.51
N TYR A 18 -2.87 1.18 -0.06
CA TYR A 18 -1.97 1.20 -1.15
C TYR A 18 -0.64 1.44 -0.46
N TYR A 19 0.15 0.42 -0.43
CA TYR A 19 1.34 0.50 0.34
C TYR A 19 2.47 0.35 -0.67
N PHE A 20 3.21 1.39 -0.84
CA PHE A 20 4.04 1.56 -2.01
C PHE A 20 5.49 1.16 -1.75
N ASN A 21 5.90 0.07 -2.37
CA ASN A 21 7.25 -0.41 -2.20
C ASN A 21 8.14 0.24 -3.25
N HIS A 22 8.95 1.19 -2.80
CA HIS A 22 9.72 2.03 -3.70
C HIS A 22 11.04 1.39 -4.09
N ILE A 23 11.28 0.16 -3.63
CA ILE A 23 12.48 -0.56 -4.02
C ILE A 23 12.31 -1.12 -5.42
N THR A 24 11.23 -1.86 -5.62
CA THR A 24 10.88 -2.40 -6.92
C THR A 24 9.99 -1.42 -7.68
N ASN A 25 9.53 -0.39 -6.95
CA ASN A 25 8.59 0.59 -7.45
C ASN A 25 7.26 -0.07 -7.81
N ALA A 26 6.44 -0.30 -6.80
CA ALA A 26 5.14 -0.93 -6.98
C ALA A 26 4.16 -0.43 -5.94
N SER A 27 2.92 -0.21 -6.35
CA SER A 27 1.88 0.23 -5.43
C SER A 27 0.94 -0.92 -5.15
N GLN A 28 0.97 -1.46 -3.93
CA GLN A 28 0.13 -2.60 -3.62
C GLN A 28 -1.18 -2.16 -2.97
N TRP A 29 -2.26 -2.49 -3.65
CA TRP A 29 -3.64 -2.54 -3.13
C TRP A 29 -3.84 -3.08 -1.69
N GLU A 30 -2.81 -3.60 -1.09
CA GLU A 30 -2.87 -4.63 -0.05
C GLU A 30 -2.55 -4.07 1.33
N ARG A 31 -2.93 -4.78 2.37
CA ARG A 31 -2.42 -4.46 3.69
C ARG A 31 -1.64 -5.63 4.29
N PRO A 32 -0.33 -5.42 4.55
CA PRO A 32 0.59 -6.45 5.05
C PRO A 32 0.38 -6.75 6.53
N SER A 33 -0.40 -5.92 7.20
CA SER A 33 -0.65 -6.09 8.62
C SER A 33 -1.99 -6.77 8.87
N GLY A 34 -1.95 -7.95 9.46
CA GLY A 34 -3.17 -8.68 9.73
C GLY A 34 -2.91 -9.97 10.48
N ASN A 35 -3.78 -10.95 10.28
CA ASN A 35 -3.64 -12.23 10.94
C ASN A 35 -2.42 -12.98 10.39
N SER A 36 -1.44 -13.18 11.25
CA SER A 36 -0.21 -13.84 10.86
C SER A 36 -0.05 -15.15 11.61
N ILE B 1 4.07 11.13 -7.67
CA ILE B 1 4.38 10.37 -6.45
C ILE B 1 3.28 9.34 -6.18
N PRO B 2 3.40 8.51 -5.13
CA PRO B 2 2.35 7.53 -4.81
C PRO B 2 1.26 8.06 -3.90
N GLU B 3 0.01 8.10 -4.41
CA GLU B 3 -1.20 7.94 -3.60
C GLU B 3 -2.34 7.32 -4.42
N TPO B 4 -3.22 6.55 -3.77
CA TPO B 4 -4.61 6.40 -4.23
CB TPO B 4 -5.38 7.74 -4.23
CG2 TPO B 4 -5.14 8.61 -5.47
OG1 TPO B 4 -6.78 7.50 -4.08
P TPO B 4 -7.43 6.94 -2.69
O1P TPO B 4 -6.87 7.71 -1.58
O2P TPO B 4 -7.12 5.52 -2.54
O3P TPO B 4 -8.88 7.14 -2.74
C TPO B 4 -4.86 5.51 -5.48
O TPO B 4 -5.09 6.01 -6.59
H TPO B 4 -2.94 6.07 -2.97
HA TPO B 4 -5.07 5.83 -3.43
HB TPO B 4 -5.03 8.29 -3.36
HG21 TPO B 4 -4.09 8.84 -5.54
HG22 TPO B 4 -5.71 9.52 -5.38
HG23 TPO B 4 -5.45 8.07 -6.34
N PRO B 5 -4.75 4.17 -5.34
CA PRO B 5 -4.81 3.23 -6.47
C PRO B 5 -6.20 3.00 -7.09
N PRO B 6 -7.36 3.38 -6.44
CA PRO B 6 -8.63 2.67 -6.67
C PRO B 6 -9.01 2.54 -8.16
N PRO B 7 -9.78 1.50 -8.52
CA PRO B 7 -10.15 1.23 -9.93
C PRO B 7 -11.18 2.23 -10.47
N GLY B 8 -11.40 3.30 -9.73
CA GLY B 8 -12.37 4.30 -10.13
C GLY B 8 -12.04 5.65 -9.52
N LYS A 1 7.87 -5.99 12.80
CA LYS A 1 8.83 -5.69 11.72
C LYS A 1 8.19 -5.90 10.35
N LEU A 2 8.15 -4.84 9.57
CA LEU A 2 7.55 -4.86 8.24
C LEU A 2 8.62 -4.63 7.19
N PRO A 3 8.30 -4.77 5.89
CA PRO A 3 9.23 -4.45 4.81
C PRO A 3 9.64 -2.97 4.85
N PRO A 4 10.95 -2.72 4.99
CA PRO A 4 11.51 -1.37 5.16
C PRO A 4 11.48 -0.52 3.88
N GLY A 5 10.80 -1.02 2.86
CA GLY A 5 10.65 -0.27 1.63
C GLY A 5 9.24 0.26 1.47
N TRP A 6 8.59 0.48 2.60
CA TRP A 6 7.17 0.84 2.65
C TRP A 6 6.88 2.35 2.61
N GLU A 7 5.96 2.71 1.70
CA GLU A 7 5.30 4.02 1.68
C GLU A 7 3.81 3.80 2.01
N LYS A 8 3.37 4.30 3.17
CA LYS A 8 2.05 3.96 3.71
C LYS A 8 1.01 5.05 3.51
N ARG A 9 0.00 4.76 2.72
CA ARG A 9 -1.21 5.60 2.68
C ARG A 9 -2.39 4.68 2.31
N MET A 10 -3.49 4.85 3.00
CA MET A 10 -4.58 3.90 2.92
C MET A 10 -5.52 4.25 1.79
N SER A 11 -6.02 3.23 1.11
CA SER A 11 -6.91 3.44 -0.01
C SER A 11 -8.34 3.48 0.49
N ARG A 12 -8.91 4.68 0.42
CA ARG A 12 -10.23 4.96 0.97
C ARG A 12 -11.33 4.44 0.05
N SER A 13 -10.92 3.84 -1.05
CA SER A 13 -11.84 3.28 -2.02
C SER A 13 -12.40 1.94 -1.55
N SER A 14 -11.68 0.86 -1.85
CA SER A 14 -12.17 -0.49 -1.62
C SER A 14 -11.86 -1.00 -0.21
N GLY A 15 -11.03 -0.26 0.52
CA GLY A 15 -10.59 -0.72 1.83
C GLY A 15 -9.35 -1.58 1.72
N ARG A 16 -8.29 -0.96 1.25
CA ARG A 16 -7.07 -1.66 0.87
C ARG A 16 -5.88 -0.77 1.23
N VAL A 17 -4.69 -1.29 1.55
CA VAL A 17 -3.61 -0.38 1.78
C VAL A 17 -2.80 -0.31 0.52
N TYR A 18 -2.66 0.87 -0.03
CA TYR A 18 -1.77 0.97 -1.14
C TYR A 18 -0.45 1.27 -0.46
N TYR A 19 0.41 0.30 -0.51
CA TYR A 19 1.58 0.36 0.28
C TYR A 19 2.72 0.16 -0.70
N PHE A 20 3.46 1.22 -0.91
CA PHE A 20 4.29 1.35 -2.10
C PHE A 20 5.77 1.21 -1.79
N ASN A 21 6.41 0.28 -2.45
CA ASN A 21 7.83 0.05 -2.24
C ASN A 21 8.64 0.91 -3.19
N HIS A 22 9.24 1.94 -2.61
CA HIS A 22 9.97 2.96 -3.38
C HIS A 22 11.27 2.42 -3.98
N ILE A 23 11.52 1.13 -3.79
CA ILE A 23 12.65 0.50 -4.43
C ILE A 23 12.28 0.07 -5.85
N THR A 24 11.16 -0.63 -5.99
CA THR A 24 10.66 -1.06 -7.29
C THR A 24 9.72 -0.01 -7.89
N ASN A 25 9.26 0.92 -7.04
CA ASN A 25 8.34 1.99 -7.44
C ASN A 25 6.95 1.42 -7.70
N ALA A 26 6.62 0.33 -7.00
CA ALA A 26 5.34 -0.33 -7.18
C ALA A 26 4.44 -0.09 -5.98
N SER A 27 3.14 -0.08 -6.21
CA SER A 27 2.18 0.15 -5.15
C SER A 27 1.29 -1.08 -4.96
N GLN A 28 1.33 -1.67 -3.78
CA GLN A 28 0.49 -2.83 -3.53
C GLN A 28 -0.86 -2.39 -2.97
N TRP A 29 -1.90 -2.95 -3.55
CA TRP A 29 -3.31 -2.84 -3.10
C TRP A 29 -3.57 -3.31 -1.66
N GLU A 30 -2.58 -3.91 -1.06
CA GLU A 30 -2.73 -4.94 -0.03
C GLU A 30 -2.42 -4.40 1.35
N ARG A 31 -2.84 -5.09 2.39
CA ARG A 31 -2.18 -4.92 3.69
C ARG A 31 -1.39 -6.18 4.01
N PRO A 32 -0.07 -6.04 4.23
CA PRO A 32 0.84 -7.16 4.48
C PRO A 32 0.61 -7.87 5.81
N SER A 33 -0.23 -7.26 6.65
CA SER A 33 -0.54 -7.82 7.96
C SER A 33 -2.01 -8.21 8.00
N GLY A 34 -2.28 -9.44 8.42
CA GLY A 34 -3.64 -9.90 8.52
C GLY A 34 -4.32 -9.38 9.76
N ASN A 35 -3.96 -9.95 10.90
CA ASN A 35 -4.56 -9.56 12.17
C ASN A 35 -3.50 -8.96 13.09
N SER A 36 -3.86 -7.89 13.77
CA SER A 36 -2.94 -7.22 14.67
C SER A 36 -3.68 -6.69 15.90
N ILE B 1 4.13 10.37 -7.83
CA ILE B 1 3.76 10.25 -6.40
C ILE B 1 2.82 9.06 -6.20
N PRO B 2 3.02 8.28 -5.12
CA PRO B 2 2.10 7.20 -4.77
C PRO B 2 0.97 7.65 -3.85
N GLU B 3 -0.28 7.69 -4.35
CA GLU B 3 -1.46 7.63 -3.48
C GLU B 3 -2.67 6.99 -4.18
N TPO B 4 -3.54 6.32 -3.41
CA TPO B 4 -4.93 6.07 -3.83
CB TPO B 4 -5.85 7.31 -3.68
CG2 TPO B 4 -5.61 8.38 -4.73
OG1 TPO B 4 -7.23 6.89 -3.71
P TPO B 4 -7.99 6.04 -2.51
O1P TPO B 4 -8.00 4.61 -2.88
O2P TPO B 4 -9.37 6.53 -2.42
O3P TPO B 4 -7.29 6.23 -1.23
C TPO B 4 -5.10 5.33 -5.19
O TPO B 4 -5.40 5.93 -6.22
H TPO B 4 -3.25 5.99 -2.54
HA TPO B 4 -5.30 5.37 -3.10
HB TPO B 4 -5.65 7.74 -2.70
HG21 TPO B 4 -5.80 7.95 -5.71
HG22 TPO B 4 -4.60 8.72 -4.68
HG23 TPO B 4 -6.28 9.21 -4.57
N PRO B 5 -4.79 4.01 -5.19
CA PRO B 5 -4.69 3.17 -6.40
C PRO B 5 -6.01 2.95 -7.22
N PRO B 6 -7.25 3.15 -6.67
CA PRO B 6 -8.44 2.37 -7.09
C PRO B 6 -8.71 2.37 -8.60
N PRO B 7 -9.24 1.25 -9.13
CA PRO B 7 -9.75 1.17 -10.49
C PRO B 7 -11.26 1.48 -10.52
N GLY B 8 -11.76 2.00 -9.42
CA GLY B 8 -13.16 2.31 -9.30
C GLY B 8 -13.60 2.36 -7.85
N LYS A 1 10.37 -3.58 11.64
CA LYS A 1 9.50 -4.77 11.81
C LYS A 1 8.71 -5.05 10.53
N LEU A 2 8.40 -3.98 9.80
CA LEU A 2 7.76 -4.10 8.50
C LEU A 2 8.78 -3.83 7.41
N PRO A 3 8.47 -4.15 6.14
CA PRO A 3 9.36 -3.85 5.02
C PRO A 3 9.63 -2.36 4.89
N PRO A 4 10.90 -1.94 5.04
CA PRO A 4 11.29 -0.53 5.00
C PRO A 4 11.16 0.10 3.62
N GLY A 5 10.71 -0.71 2.66
CA GLY A 5 10.44 -0.21 1.34
C GLY A 5 9.02 0.29 1.21
N TRP A 6 8.40 0.53 2.35
CA TRP A 6 6.99 0.90 2.43
C TRP A 6 6.73 2.42 2.35
N GLU A 7 5.86 2.78 1.41
CA GLU A 7 5.22 4.11 1.33
C GLU A 7 3.77 3.96 1.79
N LYS A 8 3.44 4.54 2.96
CA LYS A 8 2.19 4.23 3.67
C LYS A 8 1.10 5.28 3.44
N ARG A 9 0.08 4.93 2.67
CA ARG A 9 -1.12 5.77 2.62
C ARG A 9 -2.31 4.84 2.32
N MET A 10 -3.42 5.03 3.00
CA MET A 10 -4.51 4.09 2.88
C MET A 10 -5.45 4.51 1.75
N SER A 11 -6.07 3.52 1.12
CA SER A 11 -6.94 3.76 0.01
C SER A 11 -8.35 3.97 0.54
N ARG A 12 -8.79 5.21 0.45
CA ARG A 12 -9.99 5.68 1.11
C ARG A 12 -11.25 5.16 0.43
N SER A 13 -11.10 4.75 -0.82
CA SER A 13 -12.23 4.24 -1.57
C SER A 13 -12.57 2.80 -1.18
N SER A 14 -11.63 1.88 -1.39
CA SER A 14 -11.90 0.46 -1.23
C SER A 14 -11.62 -0.04 0.20
N GLY A 15 -10.99 0.79 1.03
CA GLY A 15 -10.61 0.35 2.35
C GLY A 15 -9.51 -0.70 2.30
N ARG A 16 -8.43 -0.34 1.62
CA ARG A 16 -7.32 -1.25 1.34
C ARG A 16 -6.02 -0.47 1.52
N VAL A 17 -4.89 -1.07 1.89
CA VAL A 17 -3.75 -0.22 2.07
C VAL A 17 -3.01 -0.19 0.76
N TYR A 18 -2.86 0.99 0.18
CA TYR A 18 -2.03 1.03 -0.97
C TYR A 18 -0.69 1.30 -0.33
N TYR A 19 0.11 0.30 -0.37
CA TYR A 19 1.30 0.32 0.38
C TYR A 19 2.39 0.03 -0.63
N PHE A 20 3.11 1.05 -0.98
CA PHE A 20 3.92 1.03 -2.17
C PHE A 20 5.40 0.86 -1.86
N ASN A 21 5.98 -0.18 -2.42
CA ASN A 21 7.37 -0.49 -2.18
C ASN A 21 8.25 0.21 -3.20
N HIS A 22 8.87 1.29 -2.74
CA HIS A 22 9.65 2.17 -3.60
C HIS A 22 11.04 1.61 -3.87
N ILE A 23 11.25 0.34 -3.56
CA ILE A 23 12.48 -0.34 -3.92
C ILE A 23 12.40 -0.76 -5.39
N THR A 24 11.49 -1.67 -5.68
CA THR A 24 11.23 -2.10 -7.05
C THR A 24 10.17 -1.24 -7.73
N ASN A 25 9.51 -0.41 -6.92
CA ASN A 25 8.45 0.50 -7.38
C ASN A 25 7.20 -0.29 -7.75
N ALA A 26 6.40 -0.63 -6.75
CA ALA A 26 5.13 -1.31 -6.95
C ALA A 26 4.15 -0.94 -5.85
N SER A 27 2.93 -0.58 -6.22
CA SER A 27 1.92 -0.23 -5.24
C SER A 27 1.00 -1.42 -4.96
N GLN A 28 0.90 -1.83 -3.71
CA GLN A 28 0.01 -2.93 -3.36
C GLN A 28 -1.31 -2.41 -2.81
N TRP A 29 -2.37 -3.01 -3.31
CA TRP A 29 -3.76 -2.89 -2.82
C TRP A 29 -3.94 -3.31 -1.34
N GLU A 30 -2.89 -3.86 -0.80
CA GLU A 30 -2.87 -4.91 0.21
C GLU A 30 -2.62 -4.36 1.61
N ARG A 31 -2.94 -5.15 2.62
CA ARG A 31 -2.44 -4.86 3.96
C ARG A 31 -1.60 -6.02 4.49
N PRO A 32 -0.31 -5.78 4.76
CA PRO A 32 0.65 -6.80 5.21
C PRO A 32 0.58 -7.11 6.70
N SER A 33 -0.15 -6.28 7.43
CA SER A 33 -0.22 -6.42 8.88
C SER A 33 -1.66 -6.58 9.32
N GLY A 34 -2.00 -7.79 9.74
CA GLY A 34 -3.34 -8.09 10.21
C GLY A 34 -3.62 -9.57 10.18
N ASN A 35 -2.95 -10.30 11.08
CA ASN A 35 -3.06 -11.77 11.17
C ASN A 35 -2.33 -12.46 10.02
N SER A 36 -2.51 -11.96 8.81
CA SER A 36 -1.85 -12.51 7.64
C SER A 36 -0.59 -11.71 7.31
N ILE B 1 4.57 11.24 -6.70
CA ILE B 1 4.21 10.63 -5.40
C ILE B 1 3.14 9.56 -5.59
N PRO B 2 3.16 8.54 -4.75
CA PRO B 2 2.15 7.48 -4.73
C PRO B 2 0.97 7.80 -3.82
N GLU B 3 -0.28 7.78 -4.34
CA GLU B 3 -1.48 7.53 -3.50
C GLU B 3 -2.61 6.85 -4.28
N TPO B 4 -3.55 6.22 -3.55
CA TPO B 4 -4.94 6.04 -4.01
CB TPO B 4 -5.76 7.35 -4.02
CG2 TPO B 4 -5.38 8.30 -5.16
OG1 TPO B 4 -7.16 7.03 -4.10
P TPO B 4 -8.21 7.16 -2.84
O1P TPO B 4 -9.14 8.25 -3.14
O2P TPO B 4 -7.46 7.44 -1.62
O3P TPO B 4 -8.94 5.90 -2.71
C TPO B 4 -5.12 5.17 -5.29
O TPO B 4 -5.38 5.69 -6.38
H TPO B 4 -3.30 5.88 -2.66
HA TPO B 4 -5.38 5.44 -3.23
HB TPO B 4 -5.57 7.84 -3.08
HG21 TPO B 4 -5.99 9.19 -5.11
HG22 TPO B 4 -5.55 7.80 -6.11
HG23 TPO B 4 -4.34 8.56 -5.07
N PRO B 5 -4.94 3.83 -5.17
CA PRO B 5 -4.97 2.91 -6.32
C PRO B 5 -6.35 2.75 -7.03
N PRO B 6 -7.53 3.00 -6.36
CA PRO B 6 -8.80 2.34 -6.73
C PRO B 6 -9.14 2.42 -8.22
N PRO B 7 -9.75 1.36 -8.79
CA PRO B 7 -10.10 1.31 -10.22
C PRO B 7 -11.28 2.23 -10.56
N GLY B 8 -11.89 2.82 -9.54
CA GLY B 8 -13.00 3.72 -9.77
C GLY B 8 -13.90 3.79 -8.55
N LYS A 1 10.21 -3.13 12.76
CA LYS A 1 10.68 -3.06 11.36
C LYS A 1 9.69 -3.75 10.43
N LEU A 2 9.26 -3.03 9.39
CA LEU A 2 8.41 -3.60 8.37
C LEU A 2 9.27 -4.06 7.19
N PRO A 3 8.66 -4.50 6.08
CA PRO A 3 9.38 -4.69 4.81
C PRO A 3 10.00 -3.38 4.33
N PRO A 4 11.35 -3.31 4.30
CA PRO A 4 12.06 -2.10 3.86
C PRO A 4 11.60 -1.59 2.50
N GLY A 5 11.18 -0.33 2.47
CA GLY A 5 10.76 0.26 1.22
C GLY A 5 9.29 0.64 1.23
N TRP A 6 8.73 0.81 2.41
CA TRP A 6 7.31 1.10 2.59
C TRP A 6 6.96 2.59 2.58
N GLU A 7 5.95 2.92 1.78
CA GLU A 7 5.25 4.22 1.79
C GLU A 7 3.81 3.97 2.26
N LYS A 8 3.45 4.53 3.42
CA LYS A 8 2.22 4.15 4.11
C LYS A 8 1.08 5.14 3.90
N ARG A 9 0.08 4.77 3.12
CA ARG A 9 -1.16 5.54 3.05
C ARG A 9 -2.32 4.58 2.73
N MET A 10 -3.48 4.82 3.30
CA MET A 10 -4.58 3.86 3.17
C MET A 10 -5.42 4.17 1.94
N SER A 11 -5.99 3.13 1.34
CA SER A 11 -6.86 3.28 0.18
C SER A 11 -8.28 3.45 0.67
N ARG A 12 -8.84 4.62 0.37
CA ARG A 12 -10.05 5.10 1.00
C ARG A 12 -11.30 4.56 0.31
N SER A 13 -11.13 4.07 -0.91
CA SER A 13 -12.25 3.53 -1.65
C SER A 13 -12.48 2.06 -1.32
N SER A 14 -11.44 1.25 -1.49
CA SER A 14 -11.57 -0.20 -1.38
C SER A 14 -11.34 -0.71 0.05
N GLY A 15 -10.87 0.14 0.94
CA GLY A 15 -10.56 -0.30 2.29
C GLY A 15 -9.42 -1.29 2.32
N ARG A 16 -8.28 -0.84 1.82
CA ARG A 16 -7.11 -1.71 1.59
C ARG A 16 -5.85 -0.87 1.74
N VAL A 17 -4.70 -1.41 2.16
CA VAL A 17 -3.59 -0.51 2.36
C VAL A 17 -2.83 -0.43 1.06
N TYR A 18 -2.70 0.78 0.53
CA TYR A 18 -1.85 0.91 -0.59
C TYR A 18 -0.51 1.20 0.04
N TYR A 19 0.33 0.23 -0.01
CA TYR A 19 1.55 0.32 0.73
C TYR A 19 2.63 0.22 -0.32
N PHE A 20 3.31 1.32 -0.52
CA PHE A 20 4.09 1.52 -1.73
C PHE A 20 5.55 1.19 -1.52
N ASN A 21 6.00 0.11 -2.13
CA ASN A 21 7.38 -0.30 -2.01
C ASN A 21 8.20 0.37 -3.10
N HIS A 22 8.90 1.43 -2.71
CA HIS A 22 9.60 2.27 -3.66
C HIS A 22 10.95 1.68 -4.04
N ILE A 23 11.19 0.43 -3.65
CA ILE A 23 12.36 -0.30 -4.11
C ILE A 23 12.19 -0.64 -5.59
N THR A 24 11.16 -1.41 -5.89
CA THR A 24 10.79 -1.73 -7.27
C THR A 24 9.82 -0.69 -7.83
N ASN A 25 9.33 0.16 -6.92
CA ASN A 25 8.36 1.21 -7.25
C ASN A 25 7.01 0.58 -7.63
N ALA A 26 6.27 0.18 -6.61
CA ALA A 26 4.96 -0.44 -6.80
C ALA A 26 4.06 -0.13 -5.63
N SER A 27 2.76 -0.07 -5.87
CA SER A 27 1.80 0.17 -4.81
C SER A 27 0.96 -1.09 -4.58
N GLN A 28 1.01 -1.63 -3.38
CA GLN A 28 0.23 -2.81 -3.06
C GLN A 28 -1.15 -2.41 -2.53
N TRP A 29 -2.10 -3.29 -2.79
CA TRP A 29 -3.49 -3.19 -2.31
C TRP A 29 -3.64 -3.62 -0.85
N GLU A 30 -2.56 -4.13 -0.34
CA GLU A 30 -2.48 -5.14 0.69
C GLU A 30 -2.21 -4.51 2.06
N ARG A 31 -2.47 -5.25 3.12
CA ARG A 31 -1.78 -4.97 4.38
C ARG A 31 -0.92 -6.15 4.80
N PRO A 32 0.40 -5.91 4.91
CA PRO A 32 1.38 -6.96 5.23
C PRO A 32 1.32 -7.40 6.68
N SER A 33 0.57 -6.66 7.48
CA SER A 33 0.47 -6.90 8.93
C SER A 33 -0.64 -7.91 9.24
N GLY A 34 -1.39 -8.29 8.21
CA GLY A 34 -2.46 -9.25 8.41
C GLY A 34 -3.77 -8.78 7.81
N ASN A 35 -4.71 -9.70 7.71
CA ASN A 35 -6.02 -9.40 7.13
C ASN A 35 -6.97 -8.82 8.17
N SER A 36 -6.73 -9.16 9.44
CA SER A 36 -7.55 -8.65 10.52
C SER A 36 -6.86 -7.49 11.22
N ILE B 1 3.19 10.98 -5.67
CA ILE B 1 3.24 9.90 -6.68
C ILE B 1 2.38 8.71 -6.22
N PRO B 2 2.70 8.06 -5.07
CA PRO B 2 1.83 7.03 -4.51
C PRO B 2 0.77 7.55 -3.55
N GLU B 3 -0.49 7.58 -3.99
CA GLU B 3 -1.64 7.44 -3.08
C GLU B 3 -2.80 6.81 -3.85
N TPO B 4 -3.70 6.10 -3.14
CA TPO B 4 -5.04 5.79 -3.67
CB TPO B 4 -6.00 7.01 -3.76
CG2 TPO B 4 -5.45 8.18 -4.56
OG1 TPO B 4 -7.25 6.60 -4.34
P TPO B 4 -8.66 6.52 -3.55
O1P TPO B 4 -9.15 7.87 -3.30
O2P TPO B 4 -9.62 5.80 -4.39
O3P TPO B 4 -8.46 5.80 -2.28
C TPO B 4 -5.07 4.88 -4.93
O TPO B 4 -5.29 5.36 -6.04
H TPO B 4 -3.47 5.80 -2.24
HA TPO B 4 -5.46 5.16 -2.89
HB TPO B 4 -6.17 7.32 -2.74
HG21 TPO B 4 -6.18 8.98 -4.58
HG22 TPO B 4 -5.24 7.86 -5.57
HG23 TPO B 4 -4.55 8.53 -4.10
N PRO B 5 -4.78 3.56 -4.77
CA PRO B 5 -4.65 2.64 -5.90
C PRO B 5 -5.93 2.45 -6.75
N PRO B 6 -7.19 2.55 -6.16
CA PRO B 6 -8.36 1.84 -6.69
C PRO B 6 -8.51 1.96 -8.22
N PRO B 7 -8.91 0.88 -8.90
CA PRO B 7 -9.04 0.87 -10.36
C PRO B 7 -10.18 1.76 -10.85
N GLY B 8 -10.90 2.37 -9.91
CA GLY B 8 -11.97 3.26 -10.26
C GLY B 8 -13.17 2.53 -10.83
N LYS A 1 4.59 -7.99 6.99
CA LYS A 1 6.00 -7.53 6.97
C LYS A 1 6.17 -6.46 5.90
N LEU A 2 7.43 -6.23 5.50
CA LEU A 2 7.79 -5.34 4.37
C LEU A 2 7.91 -3.82 4.69
N PRO A 3 7.85 -3.33 5.96
CA PRO A 3 8.01 -1.89 6.24
C PRO A 3 9.36 -1.25 5.85
N PRO A 4 10.48 -2.00 5.64
CA PRO A 4 11.73 -1.40 5.11
C PRO A 4 11.54 -0.73 3.75
N GLY A 5 10.36 -0.90 3.16
CA GLY A 5 10.04 -0.22 1.92
C GLY A 5 8.60 0.22 1.86
N TRP A 6 8.04 0.53 3.01
CA TRP A 6 6.61 0.89 3.12
C TRP A 6 6.32 2.40 3.14
N GLU A 7 5.60 2.86 2.12
CA GLU A 7 4.94 4.17 2.11
C GLU A 7 3.45 3.97 2.47
N LYS A 8 3.05 4.44 3.64
CA LYS A 8 1.73 4.12 4.19
C LYS A 8 0.66 5.16 3.86
N ARG A 9 -0.30 4.81 3.02
CA ARG A 9 -1.52 5.63 2.90
C ARG A 9 -2.67 4.69 2.52
N MET A 10 -3.83 4.93 3.08
CA MET A 10 -4.92 3.98 2.97
C MET A 10 -5.77 4.28 1.75
N SER A 11 -6.27 3.24 1.11
CA SER A 11 -7.16 3.42 -0.01
C SER A 11 -8.58 3.49 0.53
N ARG A 12 -9.07 4.71 0.58
CA ARG A 12 -10.33 5.03 1.23
C ARG A 12 -11.50 4.56 0.37
N SER A 13 -11.16 4.08 -0.80
CA SER A 13 -12.13 3.58 -1.76
C SER A 13 -12.57 2.16 -1.42
N SER A 14 -11.68 1.20 -1.65
CA SER A 14 -12.01 -0.21 -1.54
C SER A 14 -11.77 -0.78 -0.14
N GLY A 15 -11.14 -0.01 0.73
CA GLY A 15 -10.79 -0.52 2.05
C GLY A 15 -9.58 -1.42 1.98
N ARG A 16 -8.52 -0.90 1.37
CA ARG A 16 -7.33 -1.66 1.04
C ARG A 16 -6.11 -0.79 1.34
N VAL A 17 -4.96 -1.35 1.70
CA VAL A 17 -3.85 -0.48 1.98
C VAL A 17 -3.05 -0.34 0.72
N TYR A 18 -2.94 0.88 0.21
CA TYR A 18 -2.06 1.03 -0.89
C TYR A 18 -0.75 1.35 -0.20
N TYR A 19 0.13 0.40 -0.24
CA TYR A 19 1.25 0.45 0.62
C TYR A 19 2.45 0.39 -0.31
N PHE A 20 3.12 1.50 -0.44
CA PHE A 20 4.01 1.75 -1.55
C PHE A 20 5.42 1.28 -1.27
N ASN A 21 5.82 0.21 -1.96
CA ASN A 21 7.14 -0.35 -1.78
C ASN A 21 8.12 0.28 -2.74
N HIS A 22 8.95 1.17 -2.19
CA HIS A 22 9.88 1.97 -3.00
C HIS A 22 11.15 1.18 -3.33
N ILE A 23 11.19 -0.08 -2.97
CA ILE A 23 12.35 -0.92 -3.27
C ILE A 23 12.43 -1.17 -4.78
N THR A 24 11.45 -1.89 -5.32
CA THR A 24 11.35 -2.07 -6.76
C THR A 24 10.46 -0.97 -7.36
N ASN A 25 9.81 -0.21 -6.47
CA ASN A 25 8.86 0.85 -6.83
C ASN A 25 7.56 0.27 -7.36
N ALA A 26 6.65 -0.03 -6.45
CA ALA A 26 5.33 -0.53 -6.79
C ALA A 26 4.31 -0.09 -5.73
N SER A 27 3.07 0.08 -6.14
CA SER A 27 2.01 0.43 -5.21
C SER A 27 1.09 -0.77 -5.00
N GLN A 28 1.05 -1.29 -3.79
CA GLN A 28 0.24 -2.47 -3.53
C GLN A 28 -1.14 -2.11 -2.98
N TRP A 29 -2.14 -2.75 -3.54
CA TRP A 29 -3.54 -2.75 -3.07
C TRP A 29 -3.72 -3.32 -1.65
N GLU A 30 -2.65 -3.85 -1.13
CA GLU A 30 -2.62 -4.98 -0.21
C GLU A 30 -2.52 -4.56 1.25
N ARG A 31 -2.86 -5.47 2.15
CA ARG A 31 -2.42 -5.32 3.53
C ARG A 31 -1.53 -6.50 3.94
N PRO A 32 -0.24 -6.20 4.18
CA PRO A 32 0.76 -7.20 4.59
C PRO A 32 0.47 -7.82 5.95
N SER A 33 0.59 -7.00 6.99
CA SER A 33 0.46 -7.46 8.36
C SER A 33 -0.98 -7.32 8.85
N GLY A 34 -1.54 -8.43 9.31
CA GLY A 34 -2.88 -8.40 9.87
C GLY A 34 -2.88 -7.87 11.29
N ASN A 35 -2.60 -8.76 12.24
CA ASN A 35 -2.57 -8.38 13.64
C ASN A 35 -1.13 -8.37 14.17
N SER A 36 -0.18 -8.53 13.27
CA SER A 36 1.23 -8.52 13.64
C SER A 36 1.86 -7.17 13.33
N ILE B 1 3.28 9.14 -8.46
CA ILE B 1 3.23 9.39 -7.01
C ILE B 1 2.33 8.35 -6.33
N PRO B 2 2.65 7.94 -5.10
CA PRO B 2 1.78 7.05 -4.35
C PRO B 2 0.71 7.75 -3.51
N GLU B 3 -0.51 7.81 -4.03
CA GLU B 3 -1.71 7.81 -3.19
C GLU B 3 -2.89 7.17 -3.93
N TPO B 4 -3.75 6.43 -3.21
CA TPO B 4 -5.13 6.20 -3.65
CB TPO B 4 -6.03 7.45 -3.55
CG2 TPO B 4 -5.72 8.52 -4.60
OG1 TPO B 4 -7.40 7.07 -3.64
P TPO B 4 -8.29 6.56 -2.37
O1P TPO B 4 -9.51 7.38 -2.32
O2P TPO B 4 -8.64 5.15 -2.56
O3P TPO B 4 -7.53 6.72 -1.15
C TPO B 4 -5.28 5.42 -4.99
O TPO B 4 -5.58 6.00 -6.04
H TPO B 4 -3.46 6.05 -2.36
HA TPO B 4 -5.52 5.51 -2.90
HB TPO B 4 -5.86 7.88 -2.56
HG21 TPO B 4 -5.87 8.10 -5.58
HG22 TPO B 4 -4.70 8.84 -4.49
HG23 TPO B 4 -6.39 9.35 -4.46
N PRO B 5 -4.99 4.09 -4.97
CA PRO B 5 -4.87 3.26 -6.19
C PRO B 5 -6.16 3.07 -7.03
N PRO B 6 -7.41 3.20 -6.45
CA PRO B 6 -8.60 2.46 -6.93
C PRO B 6 -8.76 2.43 -8.46
N PRO B 7 -9.23 1.30 -9.02
CA PRO B 7 -9.40 1.16 -10.47
C PRO B 7 -10.44 2.15 -11.01
N GLY B 8 -10.00 3.02 -11.90
CA GLY B 8 -10.87 4.04 -12.45
C GLY B 8 -10.16 4.86 -13.49
N LYS A 1 10.31 -3.56 11.60
CA LYS A 1 10.32 -5.00 11.27
C LYS A 1 9.46 -5.27 10.02
N LEU A 2 8.75 -4.24 9.55
CA LEU A 2 8.00 -4.34 8.30
C LEU A 2 8.96 -4.11 7.13
N PRO A 3 8.53 -4.36 5.88
CA PRO A 3 9.35 -4.09 4.71
C PRO A 3 9.73 -2.61 4.61
N PRO A 4 11.03 -2.30 4.67
CA PRO A 4 11.54 -0.93 4.67
C PRO A 4 11.36 -0.22 3.33
N GLY A 5 10.75 -0.90 2.37
CA GLY A 5 10.46 -0.31 1.09
C GLY A 5 9.05 0.26 1.06
N TRP A 6 8.53 0.55 2.24
CA TRP A 6 7.14 0.97 2.41
C TRP A 6 6.92 2.50 2.31
N GLU A 7 5.99 2.88 1.42
CA GLU A 7 5.40 4.22 1.33
C GLU A 7 3.92 4.11 1.77
N LYS A 8 3.57 4.66 2.93
CA LYS A 8 2.29 4.34 3.58
C LYS A 8 1.22 5.42 3.41
N ARG A 9 0.12 5.07 2.77
CA ARG A 9 -1.11 5.85 2.91
C ARG A 9 -2.28 4.87 2.71
N MET A 10 -3.36 5.07 3.42
CA MET A 10 -4.44 4.10 3.40
C MET A 10 -5.42 4.44 2.29
N SER A 11 -5.99 3.41 1.70
CA SER A 11 -6.94 3.60 0.62
C SER A 11 -8.33 3.72 1.20
N ARG A 12 -8.82 4.94 1.13
CA ARG A 12 -10.05 5.36 1.79
C ARG A 12 -11.27 4.78 1.09
N SER A 13 -11.01 4.19 -0.07
CA SER A 13 -12.05 3.64 -0.91
C SER A 13 -12.61 2.33 -0.35
N SER A 14 -11.93 1.25 -0.63
CA SER A 14 -12.42 -0.09 -0.30
C SER A 14 -12.01 -0.56 1.08
N GLY A 15 -11.11 0.17 1.74
CA GLY A 15 -10.61 -0.26 3.04
C GLY A 15 -9.42 -1.19 2.88
N ARG A 16 -8.40 -0.67 2.23
CA ARG A 16 -7.25 -1.45 1.78
C ARG A 16 -6.00 -0.59 1.95
N VAL A 17 -4.79 -1.12 2.20
CA VAL A 17 -3.70 -0.20 2.31
C VAL A 17 -3.00 -0.15 0.97
N TYR A 18 -2.86 1.04 0.43
CA TYR A 18 -2.07 1.15 -0.75
C TYR A 18 -0.71 1.40 -0.16
N TYR A 19 0.16 0.45 -0.32
CA TYR A 19 1.37 0.52 0.37
C TYR A 19 2.45 0.28 -0.67
N PHE A 20 3.13 1.33 -1.02
CA PHE A 20 3.95 1.35 -2.22
C PHE A 20 5.42 1.12 -1.94
N ASN A 21 5.95 0.09 -2.58
CA ASN A 21 7.34 -0.26 -2.42
C ASN A 21 8.18 0.47 -3.46
N HIS A 22 8.90 1.49 -3.01
CA HIS A 22 9.67 2.35 -3.91
C HIS A 22 11.01 1.73 -4.31
N ILE A 23 11.16 0.44 -4.07
CA ILE A 23 12.33 -0.27 -4.53
C ILE A 23 12.15 -0.67 -5.99
N THR A 24 11.16 -1.52 -6.25
CA THR A 24 10.80 -1.88 -7.62
C THR A 24 9.75 -0.91 -8.18
N ASN A 25 9.20 -0.09 -7.29
CA ASN A 25 8.15 0.88 -7.62
C ASN A 25 6.85 0.17 -7.98
N ALA A 26 6.08 -0.17 -6.95
CA ALA A 26 4.76 -0.77 -7.11
C ALA A 26 3.86 -0.39 -5.94
N SER A 27 2.57 -0.21 -6.19
CA SER A 27 1.63 0.13 -5.14
C SER A 27 0.71 -1.06 -4.83
N GLN A 28 0.77 -1.56 -3.60
CA GLN A 28 -0.05 -2.70 -3.24
C GLN A 28 -1.39 -2.25 -2.66
N TRP A 29 -2.43 -3.00 -2.99
CA TRP A 29 -3.81 -2.84 -2.49
C TRP A 29 -4.03 -3.24 -1.03
N GLU A 30 -3.04 -3.83 -0.44
CA GLU A 30 -3.18 -4.80 0.65
C GLU A 30 -2.66 -4.23 1.96
N ARG A 31 -3.05 -4.82 3.06
CA ARG A 31 -2.42 -4.48 4.34
C ARG A 31 -1.61 -5.66 4.86
N PRO A 32 -0.29 -5.47 5.03
CA PRO A 32 0.65 -6.53 5.44
C PRO A 32 0.53 -6.90 6.93
N SER A 33 -0.22 -6.10 7.66
CA SER A 33 -0.33 -6.30 9.10
C SER A 33 -1.80 -6.35 9.52
N GLY A 34 -2.16 -7.37 10.28
CA GLY A 34 -3.50 -7.44 10.82
C GLY A 34 -4.25 -8.67 10.34
N ASN A 35 -4.53 -8.72 9.05
CA ASN A 35 -5.33 -9.81 8.51
C ASN A 35 -4.80 -10.24 7.14
N SER A 36 -4.45 -11.51 7.04
CA SER A 36 -3.92 -12.07 5.81
C SER A 36 -4.59 -13.41 5.53
N ILE B 1 3.09 11.35 -4.48
CA ILE B 1 3.25 10.72 -5.81
C ILE B 1 2.55 9.36 -5.83
N PRO B 2 2.91 8.42 -4.93
CA PRO B 2 2.11 7.20 -4.77
C PRO B 2 1.03 7.37 -3.73
N GLU B 3 -0.22 7.60 -4.15
CA GLU B 3 -1.38 7.36 -3.27
C GLU B 3 -2.61 6.97 -4.07
N TPO B 4 -3.55 6.25 -3.42
CA TPO B 4 -4.93 6.20 -3.88
CB TPO B 4 -5.63 7.58 -3.89
CG2 TPO B 4 -5.39 8.40 -5.14
OG1 TPO B 4 -7.03 7.40 -3.70
P TPO B 4 -7.69 6.88 -2.31
O1P TPO B 4 -7.11 7.66 -1.21
O2P TPO B 4 -9.14 7.12 -2.37
O3P TPO B 4 -7.42 5.45 -2.13
C TPO B 4 -5.17 5.32 -5.13
O TPO B 4 -5.32 5.81 -6.24
H TPO B 4 -3.29 5.76 -2.61
HA TPO B 4 -5.42 5.66 -3.08
HB TPO B 4 -5.25 8.12 -3.03
HG21 TPO B 4 -4.33 8.59 -5.25
HG22 TPO B 4 -5.91 9.34 -5.06
HG23 TPO B 4 -5.75 7.86 -6.00
N PRO B 5 -5.11 3.99 -4.95
CA PRO B 5 -5.16 3.00 -6.05
C PRO B 5 -6.55 2.74 -6.70
N PRO B 6 -7.72 3.25 -6.16
CA PRO B 6 -9.00 2.54 -6.27
C PRO B 6 -9.43 2.05 -7.67
N PRO B 7 -9.13 2.77 -8.79
CA PRO B 7 -9.43 2.28 -10.15
C PRO B 7 -8.88 0.87 -10.43
N GLY B 8 -7.94 0.41 -9.62
CA GLY B 8 -7.43 -0.93 -9.77
C GLY B 8 -5.94 -0.95 -10.01
#